data_6APV
#
_entry.id   6APV
#
_cell.length_a   89.480
_cell.length_b   94.555
_cell.length_c   109.692
_cell.angle_alpha   90.00
_cell.angle_beta   90.00
_cell.angle_gamma   90.00
#
_symmetry.space_group_name_H-M   'P 21 2 21'
#
loop_
_entity.id
_entity.type
_entity.pdbx_description
1 polymer 'Hypoxanthine-guanine phosphoribosyltransferase'
2 non-polymer '[(2-{[2-(2-amino-6-oxo-1,6-dihydro-9H-purin-9-yl)ethyl][(E)-2-phosphonoethenyl]amino}ethoxy)methyl]phosphonic acid'
3 non-polymer 'MAGNESIUM ION'
4 non-polymer DI(HYDROXYETHYL)ETHER
5 water water
#
_entity_poly.entity_id   1
_entity_poly.type   'polypeptide(L)'
_entity_poly.pdbx_seq_one_letter_code
;HHHHHHMEPACKYDFATSVLFTEAELHTRMRGVAQRIADDYSNCNLKPLENPLVIVSVLKGSFVFTADMVRILGDFGVPT
RVEFLRASSYGHDTKSCGRVDVKADGLCDIRGKHVLVLEDILDTALTLREVVDSLKKSEPASIKTLVAIDKPGGRKIPFT
AEYVVADVPNVFVVGYGLDYDQSYREVRDVVILKPSVYETWGKELERRKAAGEAKR
;
_entity_poly.pdbx_strand_id   A,B,C,D
#
loop_
_chem_comp.id
_chem_comp.type
_chem_comp.name
_chem_comp.formula
3L4 non-polymer '[(2-{[2-(2-amino-6-oxo-1,6-dihydro-9H-purin-9-yl)ethyl][(E)-2-phosphonoethenyl]amino}ethoxy)methyl]phosphonic acid' 'C12 H20 N6 O8 P2'
MG non-polymer 'MAGNESIUM ION' 'Mg 2'
PEG non-polymer DI(HYDROXYETHYL)ETHER 'C4 H10 O3'
#
# COMPACT_ATOMS: atom_id res chain seq x y z
N CYS A 11 -6.40 -16.67 -18.30
CA CYS A 11 -5.27 -15.99 -17.67
C CYS A 11 -3.95 -16.70 -17.99
N LYS A 12 -2.90 -15.92 -18.23
CA LYS A 12 -1.64 -16.48 -18.71
C LYS A 12 -0.93 -17.34 -17.65
N TYR A 13 -1.11 -17.04 -16.37
CA TYR A 13 -0.32 -17.67 -15.31
C TYR A 13 -1.09 -18.72 -14.56
N ASP A 14 -0.48 -19.90 -14.42
CA ASP A 14 -1.04 -21.02 -13.64
C ASP A 14 -1.53 -20.59 -12.26
N PHE A 15 -0.82 -19.66 -11.62
CA PHE A 15 -0.98 -19.35 -10.22
C PHE A 15 -1.84 -18.10 -9.97
N ALA A 16 -2.43 -17.53 -11.01
CA ALA A 16 -3.12 -16.25 -10.88
C ALA A 16 -4.54 -16.38 -11.41
N THR A 17 -5.47 -15.67 -10.77
CA THR A 17 -6.83 -15.65 -11.31
C THR A 17 -6.97 -14.62 -12.42
N SER A 18 -6.29 -13.48 -12.30
CA SER A 18 -6.35 -12.52 -13.38
C SER A 18 -5.16 -11.57 -13.31
N VAL A 19 -4.85 -11.01 -14.46
CA VAL A 19 -3.77 -10.03 -14.59
C VAL A 19 -4.39 -8.63 -14.49
N LEU A 20 -3.95 -7.85 -13.51
CA LEU A 20 -4.49 -6.51 -13.30
C LEU A 20 -3.75 -5.48 -14.15
N PHE A 21 -2.43 -5.47 -14.08
CA PHE A 21 -1.62 -4.50 -14.83
C PHE A 21 -0.43 -5.21 -15.43
N THR A 22 -0.37 -5.26 -16.75
CA THR A 22 0.79 -5.81 -17.42
C THR A 22 1.97 -4.86 -17.28
N GLU A 23 3.16 -5.43 -17.45
CA GLU A 23 4.40 -4.66 -17.48
C GLU A 23 4.29 -3.46 -18.41
N ALA A 24 3.75 -3.67 -19.61
CA ALA A 24 3.62 -2.56 -20.56
C ALA A 24 2.67 -1.48 -20.05
N GLU A 25 1.56 -1.89 -19.44
CA GLU A 25 0.63 -0.90 -18.90
C GLU A 25 1.25 -0.15 -17.74
N LEU A 26 1.94 -0.85 -16.84
CA LEU A 26 2.65 -0.16 -15.75
C LEU A 26 3.66 0.83 -16.30
N HIS A 27 4.43 0.43 -17.31
CA HIS A 27 5.44 1.35 -17.85
C HIS A 27 4.77 2.57 -18.49
N THR A 28 3.65 2.36 -19.17
CA THR A 28 2.94 3.50 -19.75
C THR A 28 2.50 4.47 -18.66
N ARG A 29 1.95 3.95 -17.57
CA ARG A 29 1.52 4.82 -16.48
C ARG A 29 2.71 5.51 -15.84
N MET A 30 3.84 4.82 -15.76
CA MET A 30 5.02 5.37 -15.10
C MET A 30 5.61 6.52 -15.90
N ARG A 31 5.53 6.42 -17.24
CA ARG A 31 5.90 7.54 -18.10
C ARG A 31 5.02 8.75 -17.85
N GLY A 32 3.72 8.52 -17.65
CA GLY A 32 2.86 9.64 -17.31
C GLY A 32 3.25 10.27 -15.99
N VAL A 33 3.55 9.44 -15.00
CA VAL A 33 3.94 9.95 -13.69
C VAL A 33 5.29 10.66 -13.77
N ALA A 34 6.22 10.10 -14.55
CA ALA A 34 7.54 10.70 -14.69
C ALA A 34 7.45 12.09 -15.32
N GLN A 35 6.52 12.29 -16.25
CA GLN A 35 6.34 13.61 -16.84
C GLN A 35 5.87 14.62 -15.79
N ARG A 36 4.93 14.22 -14.93
CA ARG A 36 4.51 15.07 -13.83
C ARG A 36 5.66 15.36 -12.88
N ILE A 37 6.44 14.33 -12.55
CA ILE A 37 7.57 14.53 -11.65
C ILE A 37 8.59 15.47 -12.29
N ALA A 38 8.90 15.27 -13.56
CA ALA A 38 9.80 16.21 -14.25
C ALA A 38 9.25 17.64 -14.19
N ASP A 39 7.95 17.82 -14.44
CA ASP A 39 7.38 19.16 -14.37
C ASP A 39 7.42 19.70 -12.95
N ASP A 40 7.10 18.86 -11.97
CA ASP A 40 7.00 19.34 -10.60
C ASP A 40 8.36 19.74 -10.03
N TYR A 41 9.44 19.10 -10.46
CA TYR A 41 10.78 19.38 -9.95
C TYR A 41 11.59 20.27 -10.88
N SER A 42 10.99 20.79 -11.96
N SER A 42 11.00 20.77 -11.96
CA SER A 42 11.76 21.61 -12.90
CA SER A 42 11.77 21.60 -12.88
C SER A 42 12.24 22.92 -12.28
C SER A 42 12.31 22.84 -12.19
N ASN A 43 11.56 23.41 -11.24
CA ASN A 43 11.99 24.62 -10.55
C ASN A 43 13.04 24.38 -9.47
N CYS A 44 13.52 23.15 -9.31
CA CYS A 44 14.49 22.79 -8.28
C CYS A 44 15.94 22.75 -8.76
N ASN A 45 16.18 22.91 -10.06
CA ASN A 45 17.52 22.84 -10.65
C ASN A 45 18.27 21.59 -10.16
N LEU A 46 17.67 20.44 -10.43
CA LEU A 46 18.32 19.16 -10.17
C LEU A 46 19.46 18.93 -11.15
N LYS A 47 20.54 18.32 -10.67
CA LYS A 47 21.72 18.04 -11.47
C LYS A 47 22.40 16.80 -10.92
N PRO A 48 22.98 15.96 -11.77
CA PRO A 48 23.82 14.87 -11.24
C PRO A 48 24.92 15.43 -10.36
N LEU A 49 25.34 14.63 -9.35
CA LEU A 49 26.39 14.96 -8.40
C LEU A 49 26.05 16.15 -7.50
N GLU A 50 25.80 17.31 -8.11
N GLU A 50 25.77 17.31 -8.10
CA GLU A 50 25.54 18.52 -7.34
CA GLU A 50 25.56 18.51 -7.30
C GLU A 50 24.21 18.43 -6.59
C GLU A 50 24.20 18.49 -6.60
N ASN A 51 23.14 18.07 -7.29
CA ASN A 51 21.81 18.16 -6.70
C ASN A 51 20.86 17.10 -7.26
N PRO A 52 21.13 15.82 -7.07
CA PRO A 52 20.19 14.81 -7.55
C PRO A 52 18.95 14.76 -6.69
N LEU A 53 17.89 14.24 -7.28
CA LEU A 53 16.73 13.86 -6.50
C LEU A 53 17.07 12.56 -5.77
N VAL A 54 16.91 12.55 -4.46
CA VAL A 54 17.26 11.37 -3.68
C VAL A 54 16.08 10.41 -3.68
N ILE A 55 16.27 9.21 -4.24
CA ILE A 55 15.25 8.17 -4.29
C ILE A 55 15.49 7.25 -3.11
N VAL A 56 14.53 7.17 -2.20
CA VAL A 56 14.64 6.27 -1.05
C VAL A 56 13.71 5.11 -1.34
N SER A 57 14.28 3.93 -1.56
CA SER A 57 13.55 2.76 -2.00
C SER A 57 13.32 1.87 -0.79
N VAL A 58 12.07 1.51 -0.54
CA VAL A 58 11.75 0.72 0.65
C VAL A 58 11.81 -0.75 0.27
N LEU A 59 12.78 -1.46 0.82
CA LEU A 59 12.98 -2.88 0.55
C LEU A 59 11.93 -3.71 1.28
N LYS A 60 11.64 -4.92 0.76
CA LYS A 60 12.28 -5.47 -0.43
C LYS A 60 11.57 -5.19 -1.72
N GLY A 61 10.23 -5.18 -1.69
CA GLY A 61 9.47 -5.29 -2.91
C GLY A 61 9.63 -4.12 -3.88
N SER A 62 10.07 -2.96 -3.40
N SER A 62 10.09 -2.97 -3.41
CA SER A 62 10.15 -1.81 -4.30
CA SER A 62 10.17 -1.81 -4.28
C SER A 62 11.34 -1.84 -5.26
C SER A 62 11.36 -1.82 -5.22
N PHE A 63 12.22 -2.86 -5.18
CA PHE A 63 13.44 -2.82 -6.00
C PHE A 63 13.14 -2.89 -7.49
N VAL A 64 12.10 -3.61 -7.90
CA VAL A 64 11.78 -3.70 -9.32
C VAL A 64 11.24 -2.37 -9.83
N PHE A 65 10.21 -1.86 -9.16
CA PHE A 65 9.65 -0.54 -9.44
C PHE A 65 10.75 0.52 -9.45
N THR A 66 11.65 0.47 -8.47
CA THR A 66 12.71 1.49 -8.37
C THR A 66 13.65 1.41 -9.57
N ALA A 67 14.11 0.20 -9.91
CA ALA A 67 14.97 0.03 -11.08
C ALA A 67 14.32 0.61 -12.34
N ASP A 68 13.04 0.30 -12.56
CA ASP A 68 12.37 0.76 -13.77
C ASP A 68 12.12 2.26 -13.71
N MET A 69 11.77 2.75 -12.53
CA MET A 69 11.31 4.13 -12.43
C MET A 69 12.49 5.12 -12.53
N VAL A 70 13.64 4.78 -11.93
CA VAL A 70 14.79 5.71 -12.08
C VAL A 70 15.25 5.78 -13.53
N ARG A 71 15.13 4.68 -14.29
CA ARG A 71 15.53 4.74 -15.69
C ARG A 71 14.56 5.61 -16.50
N ILE A 72 13.27 5.51 -16.18
CA ILE A 72 12.29 6.37 -16.86
C ILE A 72 12.49 7.82 -16.47
N LEU A 73 12.71 8.09 -15.17
CA LEU A 73 12.97 9.46 -14.74
C LEU A 73 14.19 10.03 -15.45
N GLY A 74 15.23 9.21 -15.64
CA GLY A 74 16.39 9.66 -16.38
C GLY A 74 16.05 10.05 -17.81
N ASP A 75 15.20 9.26 -18.48
CA ASP A 75 14.74 9.63 -19.83
C ASP A 75 14.09 11.02 -19.84
N PHE A 76 13.38 11.37 -18.77
CA PHE A 76 12.70 12.66 -18.65
C PHE A 76 13.58 13.73 -18.03
N GLY A 77 14.89 13.51 -17.95
CA GLY A 77 15.79 14.55 -17.48
C GLY A 77 15.80 14.75 -15.98
N VAL A 78 15.35 13.77 -15.20
CA VAL A 78 15.39 13.87 -13.74
C VAL A 78 16.53 13.00 -13.22
N PRO A 79 17.64 13.59 -12.82
CA PRO A 79 18.78 12.81 -12.31
C PRO A 79 18.52 12.39 -10.87
N THR A 80 18.95 11.18 -10.53
CA THR A 80 18.63 10.64 -9.22
C THR A 80 19.88 10.06 -8.56
N ARG A 81 19.78 9.81 -7.26
CA ARG A 81 20.65 8.88 -6.57
C ARG A 81 19.76 8.05 -5.67
N VAL A 82 20.14 6.80 -5.42
CA VAL A 82 19.27 5.86 -4.72
C VAL A 82 19.85 5.53 -3.36
N GLU A 83 18.94 5.37 -2.39
CA GLU A 83 19.22 4.83 -1.09
C GLU A 83 18.19 3.75 -0.81
N PHE A 84 18.56 2.75 -0.04
CA PHE A 84 17.65 1.65 0.26
C PHE A 84 17.39 1.60 1.76
N LEU A 85 16.11 1.52 2.11
CA LEU A 85 15.64 1.46 3.49
C LEU A 85 14.94 0.13 3.69
N ARG A 86 15.10 -0.48 4.83
CA ARG A 86 14.48 -1.79 5.05
C ARG A 86 13.14 -1.61 5.75
N ALA A 87 12.08 -2.13 5.13
CA ALA A 87 10.75 -2.09 5.74
C ALA A 87 10.65 -3.11 6.86
N ASP A 109 22.91 11.69 4.45
CA ASP A 109 23.29 12.86 3.69
C ASP A 109 22.11 13.38 2.86
N ILE A 110 20.93 13.44 3.47
CA ILE A 110 19.74 13.97 2.81
C ILE A 110 19.37 15.36 3.30
N ARG A 111 20.07 15.90 4.29
CA ARG A 111 19.73 17.24 4.78
C ARG A 111 19.75 18.22 3.62
N GLY A 112 18.66 18.98 3.48
CA GLY A 112 18.61 19.99 2.45
C GLY A 112 18.50 19.48 1.02
N LYS A 113 18.23 18.19 0.81
CA LYS A 113 18.04 17.66 -0.54
C LYS A 113 16.58 17.28 -0.72
N HIS A 114 16.15 17.21 -1.98
CA HIS A 114 14.81 16.74 -2.28
C HIS A 114 14.78 15.22 -2.27
N VAL A 115 13.77 14.66 -1.60
CA VAL A 115 13.66 13.22 -1.38
C VAL A 115 12.34 12.73 -1.98
N LEU A 116 12.39 11.65 -2.75
CA LEU A 116 11.18 10.98 -3.22
C LEU A 116 11.23 9.54 -2.73
N VAL A 117 10.30 9.17 -1.85
CA VAL A 117 10.21 7.82 -1.32
C VAL A 117 9.38 6.96 -2.26
N LEU A 118 9.93 5.79 -2.63
CA LEU A 118 9.28 4.86 -3.53
C LEU A 118 8.90 3.60 -2.77
N GLU A 119 7.66 3.19 -2.93
N GLU A 119 7.66 3.16 -2.95
CA GLU A 119 7.17 1.94 -2.37
CA GLU A 119 7.13 1.96 -2.31
C GLU A 119 6.44 1.20 -3.47
C GLU A 119 6.32 1.20 -3.36
N ASP A 120 6.47 -0.13 -3.41
CA ASP A 120 5.71 -0.89 -4.39
C ASP A 120 4.22 -0.86 -4.08
N ILE A 121 3.83 -0.92 -2.80
CA ILE A 121 2.41 -0.93 -2.47
C ILE A 121 2.16 -0.14 -1.20
N LEU A 122 1.04 0.57 -1.16
CA LEU A 122 0.63 1.40 -0.04
C LEU A 122 -0.77 0.95 0.37
N ASP A 123 -0.92 0.53 1.63
CA ASP A 123 -2.16 -0.13 2.03
C ASP A 123 -2.67 0.51 3.31
N THR A 124 -2.24 0.01 4.47
CA THR A 124 -2.60 0.64 5.73
C THR A 124 -1.96 2.02 5.87
N ALA A 125 -0.85 2.27 5.15
CA ALA A 125 -0.01 3.49 5.19
C ALA A 125 0.91 3.54 6.42
N LEU A 126 0.93 2.49 7.25
CA LEU A 126 1.75 2.53 8.45
C LEU A 126 3.24 2.50 8.11
N THR A 127 3.63 1.82 7.04
CA THR A 127 5.05 1.81 6.67
C THR A 127 5.50 3.19 6.21
N LEU A 128 4.80 3.76 5.24
CA LEU A 128 5.23 5.04 4.69
CA LEU A 128 5.20 5.04 4.68
C LEU A 128 5.13 6.16 5.72
N ARG A 129 4.12 6.11 6.61
CA ARG A 129 4.03 7.12 7.66
C ARG A 129 5.30 7.11 8.50
N GLU A 130 5.73 5.93 8.91
CA GLU A 130 6.93 5.82 9.73
C GLU A 130 8.19 6.23 8.94
N VAL A 131 8.31 5.78 7.69
CA VAL A 131 9.47 6.13 6.86
C VAL A 131 9.55 7.63 6.65
N VAL A 132 8.45 8.24 6.19
CA VAL A 132 8.44 9.69 5.97
C VAL A 132 8.78 10.43 7.25
N ASP A 133 8.15 10.06 8.37
CA ASP A 133 8.41 10.82 9.60
C ASP A 133 9.86 10.68 10.05
N SER A 134 10.47 9.50 9.87
CA SER A 134 11.86 9.37 10.27
C SER A 134 12.79 10.18 9.35
N LEU A 135 12.54 10.16 8.03
CA LEU A 135 13.34 11.00 7.13
C LEU A 135 13.19 12.48 7.44
N LYS A 136 11.95 12.93 7.73
CA LYS A 136 11.72 14.34 8.05
C LYS A 136 12.61 14.85 9.18
N LYS A 137 13.06 13.96 10.07
CA LYS A 137 13.94 14.39 11.14
C LYS A 137 15.31 14.82 10.64
N SER A 138 15.69 14.41 9.43
CA SER A 138 16.96 14.85 8.85
C SER A 138 16.82 16.13 8.03
N GLU A 139 15.67 16.80 8.09
CA GLU A 139 15.44 18.05 7.39
C GLU A 139 15.81 18.04 5.91
N PRO A 140 15.20 17.17 5.11
CA PRO A 140 15.36 17.29 3.65
C PRO A 140 14.75 18.60 3.18
N ALA A 141 15.15 19.04 1.99
CA ALA A 141 14.51 20.21 1.40
C ALA A 141 13.02 19.98 1.18
N SER A 142 12.66 18.79 0.70
CA SER A 142 11.26 18.41 0.56
C SER A 142 11.22 16.89 0.59
N ILE A 143 10.04 16.33 0.87
CA ILE A 143 9.87 14.89 0.84
C ILE A 143 8.48 14.58 0.28
N LYS A 144 8.44 13.73 -0.75
CA LYS A 144 7.20 13.29 -1.37
C LYS A 144 7.25 11.78 -1.54
N THR A 145 6.11 11.18 -1.88
CA THR A 145 6.05 9.73 -2.01
C THR A 145 5.47 9.35 -3.36
N LEU A 146 5.99 8.23 -3.89
CA LEU A 146 5.58 7.66 -5.16
C LEU A 146 5.39 6.17 -4.93
N VAL A 147 4.19 5.66 -5.23
CA VAL A 147 3.93 4.25 -5.04
C VAL A 147 3.47 3.66 -6.35
N ALA A 148 3.86 2.41 -6.59
CA ALA A 148 3.37 1.67 -7.76
C ALA A 148 1.88 1.37 -7.61
N ILE A 149 1.51 0.75 -6.50
CA ILE A 149 0.14 0.30 -6.24
C ILE A 149 -0.35 0.97 -4.96
N ASP A 150 -1.48 1.66 -5.05
CA ASP A 150 -2.16 2.20 -3.87
C ASP A 150 -3.43 1.38 -3.66
N LYS A 151 -3.63 0.91 -2.42
CA LYS A 151 -4.90 0.32 -2.01
C LYS A 151 -5.62 1.34 -1.14
N PRO A 152 -6.35 2.29 -1.72
CA PRO A 152 -6.89 3.40 -0.93
C PRO A 152 -7.86 2.95 0.13
N GLY A 153 -8.51 1.81 -0.04
CA GLY A 153 -9.46 1.34 0.95
C GLY A 153 -8.85 0.59 2.10
N GLY A 154 -7.52 0.44 2.13
CA GLY A 154 -6.92 -0.27 3.23
C GLY A 154 -6.37 0.58 4.36
N ARG A 155 -6.54 1.89 4.32
CA ARG A 155 -5.89 2.79 5.28
C ARG A 155 -6.25 2.48 6.72
N LYS A 156 -5.24 2.54 7.60
CA LYS A 156 -5.48 2.55 9.03
C LYS A 156 -5.19 3.90 9.64
N ILE A 157 -4.54 4.79 8.90
CA ILE A 157 -4.40 6.22 9.20
C ILE A 157 -4.58 6.96 7.89
N PRO A 158 -4.93 8.25 7.93
CA PRO A 158 -5.05 9.00 6.68
C PRO A 158 -3.67 9.22 6.06
N PHE A 159 -3.58 8.99 4.75
CA PHE A 159 -2.31 9.16 4.05
C PHE A 159 -2.60 9.23 2.57
N THR A 160 -2.04 10.24 1.91
CA THR A 160 -2.16 10.41 0.46
C THR A 160 -0.77 10.49 -0.13
N ALA A 161 -0.47 9.59 -1.07
CA ALA A 161 0.80 9.65 -1.78
C ALA A 161 0.71 10.73 -2.87
N GLU A 162 1.82 11.42 -3.09
CA GLU A 162 1.83 12.48 -4.10
C GLU A 162 1.69 11.90 -5.50
N TYR A 163 2.27 10.72 -5.75
CA TYR A 163 2.20 10.10 -7.07
C TYR A 163 1.82 8.64 -6.91
N VAL A 164 0.86 8.18 -7.73
CA VAL A 164 0.39 6.81 -7.69
C VAL A 164 0.36 6.28 -9.12
N VAL A 165 0.99 5.15 -9.36
CA VAL A 165 0.98 4.58 -10.70
C VAL A 165 -0.36 3.93 -11.00
N ALA A 166 -0.86 3.11 -10.07
CA ALA A 166 -2.14 2.43 -10.27
C ALA A 166 -2.82 2.20 -8.92
N ASP A 167 -4.15 2.12 -8.95
CA ASP A 167 -4.99 1.79 -7.80
C ASP A 167 -5.43 0.33 -7.86
N VAL A 168 -5.53 -0.30 -6.70
CA VAL A 168 -6.04 -1.68 -6.59
C VAL A 168 -7.14 -1.71 -5.52
N PRO A 169 -8.24 -2.45 -5.72
CA PRO A 169 -9.22 -2.59 -4.63
C PRO A 169 -8.81 -3.64 -3.61
N ASN A 170 -9.78 -4.19 -2.88
CA ASN A 170 -9.50 -5.11 -1.76
C ASN A 170 -9.21 -6.51 -2.30
N VAL A 171 -8.02 -6.67 -2.91
CA VAL A 171 -7.56 -7.94 -3.44
C VAL A 171 -6.07 -8.11 -3.11
N PHE A 172 -5.61 -9.35 -3.02
CA PHE A 172 -4.20 -9.62 -2.74
C PHE A 172 -3.45 -9.87 -4.05
N VAL A 173 -2.49 -9.02 -4.34
CA VAL A 173 -1.75 -9.11 -5.59
C VAL A 173 -0.29 -9.48 -5.33
N VAL A 174 0.34 -10.05 -6.37
CA VAL A 174 1.77 -10.32 -6.41
C VAL A 174 2.29 -9.87 -7.78
N GLY A 175 3.61 -9.86 -7.89
CA GLY A 175 4.26 -9.49 -9.13
C GLY A 175 4.77 -8.05 -9.08
N TYR A 176 5.64 -7.75 -10.03
CA TYR A 176 6.30 -6.43 -10.12
C TYR A 176 6.92 -6.04 -8.77
N GLY A 177 7.59 -6.99 -8.13
CA GLY A 177 8.22 -6.79 -6.85
C GLY A 177 7.42 -7.28 -5.65
N LEU A 178 6.10 -7.40 -5.80
CA LEU A 178 5.24 -7.80 -4.69
C LEU A 178 5.24 -9.32 -4.53
N ASP A 179 5.37 -9.80 -3.28
CA ASP A 179 5.57 -11.22 -3.02
C ASP A 179 4.36 -11.86 -2.36
N TYR A 180 4.37 -13.19 -2.40
CA TYR A 180 3.66 -14.00 -1.41
C TYR A 180 4.69 -14.89 -0.74
N ASP A 181 4.89 -14.70 0.56
CA ASP A 181 5.92 -15.38 1.34
C ASP A 181 7.23 -15.48 0.55
N GLN A 182 7.64 -14.34 0.00
CA GLN A 182 8.94 -14.08 -0.65
C GLN A 182 9.00 -14.63 -2.10
N SER A 183 8.00 -15.37 -2.57
CA SER A 183 7.99 -15.80 -3.97
C SER A 183 7.12 -14.85 -4.81
N TYR A 184 7.19 -15.01 -6.13
CA TYR A 184 6.41 -14.31 -7.15
C TYR A 184 6.77 -12.83 -7.30
N ARG A 185 7.86 -12.34 -6.69
CA ARG A 185 8.23 -10.95 -6.95
C ARG A 185 8.64 -10.74 -8.41
N GLU A 186 9.11 -11.82 -9.06
CA GLU A 186 9.69 -11.76 -10.40
C GLU A 186 8.63 -11.80 -11.50
N VAL A 187 7.36 -12.04 -11.15
CA VAL A 187 6.31 -11.97 -12.15
C VAL A 187 6.27 -10.58 -12.76
N ARG A 188 6.22 -10.50 -14.10
CA ARG A 188 6.38 -9.20 -14.76
C ARG A 188 5.17 -8.30 -14.59
N ASP A 189 4.01 -8.89 -14.32
CA ASP A 189 2.73 -8.21 -14.23
C ASP A 189 2.25 -8.24 -12.79
N VAL A 190 1.35 -7.31 -12.48
CA VAL A 190 0.65 -7.33 -11.20
C VAL A 190 -0.56 -8.21 -11.37
N VAL A 191 -0.66 -9.28 -10.58
CA VAL A 191 -1.69 -10.29 -10.77
C VAL A 191 -2.34 -10.59 -9.43
N ILE A 192 -3.58 -11.08 -9.49
CA ILE A 192 -4.25 -11.59 -8.30
C ILE A 192 -3.86 -13.05 -8.14
N LEU A 193 -3.29 -13.39 -7.00
CA LEU A 193 -2.86 -14.76 -6.72
C LEU A 193 -4.07 -15.66 -6.55
N LYS A 194 -4.05 -16.83 -7.21
CA LYS A 194 -5.11 -17.82 -7.04
C LYS A 194 -5.21 -18.23 -5.57
N PRO A 195 -6.42 -18.27 -4.99
CA PRO A 195 -6.55 -18.67 -3.58
C PRO A 195 -5.95 -20.03 -3.27
N SER A 196 -6.07 -21.01 -4.16
CA SER A 196 -5.46 -22.31 -3.91
C SER A 196 -3.96 -22.21 -3.63
N VAL A 197 -3.28 -21.20 -4.17
CA VAL A 197 -1.84 -21.08 -3.92
C VAL A 197 -1.59 -20.87 -2.43
N TYR A 198 -2.24 -19.88 -1.83
CA TYR A 198 -1.95 -19.61 -0.44
C TYR A 198 -2.77 -20.47 0.50
N GLU A 199 -3.83 -21.10 0.00
CA GLU A 199 -4.48 -22.15 0.76
C GLU A 199 -3.57 -23.35 0.95
N THR A 200 -3.04 -23.90 -0.14
CA THR A 200 -2.16 -25.06 0.02
C THR A 200 -0.89 -24.71 0.78
N TRP A 201 -0.27 -23.57 0.46
CA TRP A 201 0.97 -23.21 1.17
C TRP A 201 0.71 -23.00 2.66
N GLY A 202 -0.35 -22.24 3.00
CA GLY A 202 -0.72 -22.10 4.40
C GLY A 202 -0.92 -23.43 5.11
N LYS A 203 -1.60 -24.37 4.44
CA LYS A 203 -1.73 -25.71 5.01
C LYS A 203 -0.39 -26.41 5.10
N GLU A 204 0.50 -26.17 4.14
CA GLU A 204 1.82 -26.82 4.15
C GLU A 204 2.65 -26.34 5.33
N LEU A 205 2.59 -25.04 5.63
CA LEU A 205 3.27 -24.53 6.81
C LEU A 205 2.59 -25.06 8.07
N GLU A 206 2.70 -26.37 8.31
CA GLU A 206 2.00 -27.05 9.39
C GLU A 206 2.75 -27.00 10.73
N CYS B 11 28.94 10.82 -29.23
CA CYS B 11 28.36 9.87 -28.29
C CYS B 11 26.98 10.32 -27.83
N LYS B 12 26.11 9.35 -27.54
CA LYS B 12 24.73 9.65 -27.18
C LYS B 12 24.63 10.51 -25.92
N TYR B 13 25.62 10.42 -25.03
CA TYR B 13 25.59 11.06 -23.72
C TYR B 13 26.73 12.05 -23.57
N ASP B 14 26.39 13.29 -23.16
CA ASP B 14 27.39 14.34 -22.96
C ASP B 14 28.44 13.94 -21.94
N PHE B 15 28.08 13.12 -20.97
CA PHE B 15 28.98 12.74 -19.88
C PHE B 15 29.79 11.49 -20.18
N ALA B 16 29.71 10.93 -21.38
CA ALA B 16 30.39 9.67 -21.69
C ALA B 16 31.21 9.82 -22.97
N THR B 17 32.26 9.00 -23.10
CA THR B 17 33.03 9.01 -24.33
C THR B 17 32.69 7.84 -25.24
N SER B 18 32.16 6.74 -24.71
N SER B 18 32.19 6.73 -24.70
CA SER B 18 31.72 5.67 -25.57
CA SER B 18 31.79 5.59 -25.51
C SER B 18 30.69 4.82 -24.83
C SER B 18 30.66 4.86 -24.81
N VAL B 19 29.73 4.33 -25.60
CA VAL B 19 28.75 3.37 -25.10
C VAL B 19 29.33 1.98 -25.37
N LEU B 20 29.45 1.19 -24.32
CA LEU B 20 30.00 -0.15 -24.41
C LEU B 20 28.91 -1.20 -24.61
N PHE B 21 27.85 -1.17 -23.80
CA PHE B 21 26.72 -2.07 -23.95
C PHE B 21 25.42 -1.30 -23.78
N THR B 22 24.54 -1.40 -24.76
CA THR B 22 23.21 -0.85 -24.62
C THR B 22 22.35 -1.77 -23.77
N GLU B 23 21.27 -1.19 -23.24
CA GLU B 23 20.26 -1.96 -22.54
C GLU B 23 19.87 -3.21 -23.34
N ALA B 24 19.67 -3.06 -24.65
CA ALA B 24 19.22 -4.20 -25.46
C ALA B 24 20.28 -5.29 -25.55
N GLU B 25 21.54 -4.90 -25.78
CA GLU B 25 22.63 -5.86 -25.80
C GLU B 25 22.71 -6.64 -24.49
N LEU B 26 22.63 -5.92 -23.36
CA LEU B 26 22.70 -6.58 -22.05
C LEU B 26 21.56 -7.57 -21.89
N HIS B 27 20.34 -7.15 -22.26
CA HIS B 27 19.19 -8.05 -22.12
C HIS B 27 19.37 -9.28 -23.00
N THR B 28 19.88 -9.10 -24.23
CA THR B 28 20.14 -10.25 -25.09
C THR B 28 21.15 -11.19 -24.44
N ARG B 29 22.23 -10.65 -23.87
CA ARG B 29 23.21 -11.50 -23.21
C ARG B 29 22.62 -12.16 -21.96
N MET B 30 21.74 -11.46 -21.26
CA MET B 30 21.13 -12.00 -20.05
C MET B 30 20.17 -13.14 -20.39
N ARG B 31 19.47 -13.07 -21.52
CA ARG B 31 18.66 -14.21 -21.93
C ARG B 31 19.55 -15.43 -22.20
N GLY B 32 20.70 -15.23 -22.83
CA GLY B 32 21.61 -16.35 -23.02
C GLY B 32 22.04 -16.95 -21.69
N VAL B 33 22.37 -16.10 -20.72
CA VAL B 33 22.80 -16.58 -19.41
C VAL B 33 21.65 -17.29 -18.70
N ALA B 34 20.42 -16.77 -18.84
CA ALA B 34 19.27 -17.35 -18.16
C ALA B 34 18.99 -18.77 -18.67
N GLN B 35 19.20 -19.01 -19.95
CA GLN B 35 19.05 -20.36 -20.48
C GLN B 35 20.05 -21.31 -19.86
N ARG B 36 21.30 -20.85 -19.70
CA ARG B 36 22.31 -21.69 -19.05
C ARG B 36 21.92 -21.99 -17.60
N ILE B 37 21.54 -20.94 -16.87
CA ILE B 37 21.08 -21.11 -15.50
C ILE B 37 19.90 -22.09 -15.44
N ALA B 38 18.92 -21.90 -16.32
CA ALA B 38 17.76 -22.80 -16.33
C ALA B 38 18.18 -24.25 -16.55
N ASP B 39 19.08 -24.48 -17.51
CA ASP B 39 19.61 -25.83 -17.71
C ASP B 39 20.42 -26.30 -16.50
N ASP B 40 21.24 -25.43 -15.92
CA ASP B 40 22.13 -25.90 -14.85
C ASP B 40 21.34 -26.29 -13.61
N TYR B 41 20.23 -25.62 -13.35
CA TYR B 41 19.44 -25.89 -12.16
C TYR B 41 18.23 -26.77 -12.44
N SER B 42 18.09 -27.28 -13.67
CA SER B 42 16.93 -28.11 -14.00
CA SER B 42 16.93 -28.11 -13.98
C SER B 42 16.87 -29.35 -13.09
N ASN B 43 18.02 -29.88 -12.69
CA ASN B 43 18.03 -31.08 -11.85
C ASN B 43 17.75 -30.81 -10.38
N CYS B 44 17.48 -29.56 -10.00
CA CYS B 44 17.32 -29.18 -8.59
C CYS B 44 15.88 -29.16 -8.10
N ASN B 45 14.89 -29.30 -9.00
CA ASN B 45 13.45 -29.23 -8.67
C ASN B 45 13.13 -27.94 -7.90
N LEU B 46 13.50 -26.81 -8.52
CA LEU B 46 13.19 -25.52 -7.95
C LEU B 46 11.71 -25.25 -8.11
N LYS B 47 11.10 -24.67 -7.08
CA LYS B 47 9.68 -24.37 -7.10
C LYS B 47 9.46 -23.11 -6.28
N PRO B 48 8.50 -22.28 -6.66
CA PRO B 48 8.12 -21.17 -5.78
C PRO B 48 7.69 -21.68 -4.41
N LEU B 49 8.01 -20.90 -3.38
CA LEU B 49 7.64 -21.18 -2.00
C LEU B 49 8.42 -22.36 -1.43
N GLU B 50 8.27 -23.53 -2.06
N GLU B 50 8.30 -23.53 -2.08
CA GLU B 50 8.91 -24.75 -1.55
CA GLU B 50 8.89 -24.75 -1.53
C GLU B 50 10.42 -24.68 -1.70
C GLU B 50 10.40 -24.80 -1.75
N ASN B 51 10.90 -24.30 -2.88
CA ASN B 51 12.32 -24.40 -3.17
C ASN B 51 12.77 -23.39 -4.22
N PRO B 52 12.68 -22.09 -3.96
CA PRO B 52 13.16 -21.12 -4.94
C PRO B 52 14.68 -21.03 -4.93
N LEU B 53 15.23 -20.61 -6.07
CA LEU B 53 16.62 -20.15 -6.16
C LEU B 53 16.74 -18.87 -5.35
N VAL B 54 17.65 -18.82 -4.38
CA VAL B 54 17.80 -17.62 -3.55
C VAL B 54 18.78 -16.68 -4.25
N ILE B 55 18.27 -15.53 -4.69
CA ILE B 55 19.08 -14.48 -5.30
C ILE B 55 19.58 -13.54 -4.20
N VAL B 56 20.89 -13.46 -4.04
CA VAL B 56 21.47 -12.55 -3.05
C VAL B 56 22.07 -11.38 -3.83
N SER B 57 21.44 -10.22 -3.70
CA SER B 57 21.77 -9.04 -4.49
C SER B 57 22.65 -8.12 -3.67
N VAL B 58 23.82 -7.73 -4.20
CA VAL B 58 24.76 -6.93 -3.45
C VAL B 58 24.51 -5.44 -3.74
N LEU B 59 23.97 -4.72 -2.77
CA LEU B 59 23.63 -3.31 -2.94
C LEU B 59 24.90 -2.45 -2.98
N LYS B 60 24.82 -1.25 -3.59
CA LYS B 60 23.62 -0.67 -4.17
C LYS B 60 23.46 -1.00 -5.63
N GLY B 61 24.58 -1.06 -6.36
CA GLY B 61 24.52 -0.99 -7.82
C GLY B 61 23.80 -2.16 -8.45
N SER B 62 23.78 -3.32 -7.77
N SER B 62 23.79 -3.32 -7.79
CA SER B 62 23.19 -4.50 -8.39
CA SER B 62 23.21 -4.48 -8.46
C SER B 62 21.68 -4.44 -8.53
C SER B 62 21.68 -4.45 -8.52
N PHE B 63 21.00 -3.43 -7.98
CA PHE B 63 19.54 -3.45 -7.93
C PHE B 63 18.91 -3.46 -9.33
N VAL B 64 19.52 -2.77 -10.28
CA VAL B 64 18.94 -2.72 -11.63
C VAL B 64 19.09 -4.07 -12.34
N PHE B 65 20.31 -4.60 -12.35
CA PHE B 65 20.58 -5.93 -12.87
C PHE B 65 19.71 -6.98 -12.22
N THR B 66 19.55 -6.90 -10.90
CA THR B 66 18.75 -7.91 -10.19
C THR B 66 17.29 -7.85 -10.63
N ALA B 67 16.75 -6.63 -10.71
CA ALA B 67 15.35 -6.47 -11.14
C ALA B 67 15.16 -7.05 -12.55
N ASP B 68 16.09 -6.78 -13.47
CA ASP B 68 15.93 -7.28 -14.84
C ASP B 68 16.18 -8.77 -14.89
N MET B 69 17.16 -9.26 -14.14
CA MET B 69 17.55 -10.67 -14.26
C MET B 69 16.52 -11.60 -13.63
N VAL B 70 15.92 -11.22 -12.51
CA VAL B 70 14.94 -12.17 -11.94
C VAL B 70 13.73 -12.27 -12.83
N ARG B 71 13.38 -11.17 -13.51
CA ARG B 71 12.26 -11.25 -14.44
C ARG B 71 12.61 -12.13 -15.64
N ILE B 72 13.84 -12.02 -16.13
CA ILE B 72 14.24 -12.90 -17.22
C ILE B 72 14.35 -14.36 -16.73
N LEU B 73 14.87 -14.56 -15.52
CA LEU B 73 14.93 -15.94 -15.00
C LEU B 73 13.52 -16.53 -14.88
N GLY B 74 12.55 -15.73 -14.46
CA GLY B 74 11.17 -16.18 -14.41
C GLY B 74 10.65 -16.61 -15.77
N ASP B 75 10.96 -15.84 -16.83
CA ASP B 75 10.56 -16.22 -18.18
C ASP B 75 11.07 -17.62 -18.51
N PHE B 76 12.25 -17.97 -18.03
CA PHE B 76 12.88 -19.24 -18.35
C PHE B 76 12.54 -20.32 -17.34
N GLY B 77 11.60 -20.05 -16.44
CA GLY B 77 11.14 -21.08 -15.53
C GLY B 77 11.96 -21.23 -14.28
N VAL B 78 12.76 -20.23 -13.91
CA VAL B 78 13.60 -20.34 -12.73
C VAL B 78 12.96 -19.45 -11.66
N PRO B 79 12.24 -20.02 -10.70
CA PRO B 79 11.61 -19.20 -9.66
C PRO B 79 12.63 -18.77 -8.62
N THR B 80 12.49 -17.53 -8.14
CA THR B 80 13.47 -16.95 -7.24
C THR B 80 12.81 -16.36 -6.00
N ARG B 81 13.67 -16.07 -5.04
CA ARG B 81 13.42 -15.30 -3.83
C ARG B 81 14.64 -14.40 -3.68
N VAL B 82 14.45 -13.12 -3.35
N VAL B 82 14.44 -13.13 -3.30
CA VAL B 82 15.56 -12.18 -3.33
CA VAL B 82 15.52 -12.14 -3.33
C VAL B 82 15.90 -11.81 -1.90
C VAL B 82 15.89 -11.74 -1.92
N GLU B 83 17.20 -11.60 -1.66
CA GLU B 83 17.71 -11.02 -0.44
C GLU B 83 18.71 -9.94 -0.83
N PHE B 84 18.91 -8.96 0.04
CA PHE B 84 19.80 -7.84 -0.25
C PHE B 84 20.90 -7.74 0.80
N LEU B 85 22.15 -7.70 0.33
CA LEU B 85 23.32 -7.48 1.17
C LEU B 85 23.93 -6.13 0.82
N ARG B 86 24.48 -5.45 1.81
CA ARG B 86 25.11 -4.15 1.54
C ARG B 86 26.62 -4.35 1.31
N ALA B 87 27.11 -3.85 0.17
CA ALA B 87 28.53 -3.99 -0.15
C ALA B 87 29.41 -3.20 0.80
N SER B 88 28.87 -2.12 1.39
CA SER B 88 29.67 -1.31 2.30
C SER B 88 30.07 -2.10 3.55
N SER B 89 29.24 -3.06 3.95
CA SER B 89 29.57 -3.96 5.06
C SER B 89 30.64 -4.98 4.70
N TYR B 90 31.15 -4.94 3.47
CA TYR B 90 32.14 -5.92 3.00
C TYR B 90 33.36 -5.23 2.37
N ASP B 109 18.53 -16.98 5.96
CA ASP B 109 18.26 -18.42 6.13
C ASP B 109 18.46 -19.18 4.81
N ILE B 110 19.71 -19.22 4.35
CA ILE B 110 20.01 -19.92 3.11
C ILE B 110 20.43 -21.36 3.36
N ARG B 111 20.38 -21.85 4.61
CA ARG B 111 20.88 -23.18 4.94
C ARG B 111 20.15 -24.21 4.09
N GLY B 112 20.91 -24.98 3.33
CA GLY B 112 20.29 -26.01 2.52
C GLY B 112 19.59 -25.52 1.27
N LYS B 113 19.69 -24.24 0.93
CA LYS B 113 19.09 -23.71 -0.29
C LYS B 113 20.16 -23.44 -1.34
N HIS B 114 19.74 -23.46 -2.60
CA HIS B 114 20.61 -22.99 -3.68
C HIS B 114 20.67 -21.47 -3.68
N VAL B 115 21.88 -20.93 -3.77
CA VAL B 115 22.10 -19.49 -3.72
C VAL B 115 22.84 -19.05 -4.97
N LEU B 116 22.38 -17.95 -5.55
CA LEU B 116 23.04 -17.30 -6.67
C LEU B 116 23.27 -15.85 -6.27
N VAL B 117 24.53 -15.48 -6.10
CA VAL B 117 24.89 -14.11 -5.76
C VAL B 117 25.01 -13.29 -7.03
N LEU B 118 24.38 -12.12 -7.03
CA LEU B 118 24.38 -11.21 -8.17
C LEU B 118 25.09 -9.93 -7.80
N GLU B 119 25.97 -9.48 -8.69
N GLU B 119 26.03 -9.52 -8.66
CA GLU B 119 26.65 -8.20 -8.53
CA GLU B 119 26.81 -8.30 -8.49
C GLU B 119 26.76 -7.54 -9.90
C GLU B 119 26.76 -7.54 -9.81
N ASP B 120 26.67 -6.20 -9.91
N ASP B 120 26.68 -6.22 -9.76
CA ASP B 120 26.70 -5.53 -11.20
CA ASP B 120 26.73 -5.46 -11.00
C ASP B 120 28.12 -5.45 -11.79
C ASP B 120 28.07 -5.69 -11.70
N ILE B 121 29.16 -5.47 -10.96
CA ILE B 121 30.51 -5.46 -11.52
C ILE B 121 31.45 -6.23 -10.63
N LEU B 122 32.35 -6.97 -11.25
CA LEU B 122 33.38 -7.75 -10.58
C LEU B 122 34.72 -7.24 -11.09
N ASP B 123 35.58 -6.77 -10.17
CA ASP B 123 36.81 -6.09 -10.56
C ASP B 123 37.99 -6.69 -9.81
N THR B 124 38.29 -6.21 -8.59
CA THR B 124 39.36 -6.85 -7.83
C THR B 124 38.94 -8.20 -7.31
N ALA B 125 37.64 -8.47 -7.24
CA ALA B 125 37.02 -9.65 -6.65
C ALA B 125 37.06 -9.66 -5.13
N LEU B 126 37.59 -8.62 -4.49
CA LEU B 126 37.62 -8.61 -3.02
C LEU B 126 36.22 -8.70 -2.43
N THR B 127 35.25 -7.99 -3.02
CA THR B 127 33.89 -7.97 -2.48
C THR B 127 33.23 -9.35 -2.57
N LEU B 128 33.28 -9.98 -3.75
CA LEU B 128 32.55 -11.22 -3.91
CA LEU B 128 32.56 -11.23 -3.95
C LEU B 128 33.21 -12.37 -3.17
N ARG B 129 34.55 -12.38 -3.12
CA ARG B 129 35.27 -13.32 -2.29
C ARG B 129 34.74 -13.30 -0.86
N GLU B 130 34.63 -12.11 -0.27
CA GLU B 130 34.16 -12.02 1.10
C GLU B 130 32.68 -12.39 1.20
N VAL B 131 31.84 -11.95 0.26
CA VAL B 131 30.42 -12.26 0.31
C VAL B 131 30.19 -13.76 0.21
N VAL B 132 30.84 -14.40 -0.76
CA VAL B 132 30.69 -15.85 -0.90
C VAL B 132 31.18 -16.57 0.35
N ASP B 133 32.36 -16.21 0.85
CA ASP B 133 32.89 -16.87 2.03
C ASP B 133 31.93 -16.73 3.20
N SER B 134 31.37 -15.53 3.36
CA SER B 134 30.40 -15.28 4.43
CA SER B 134 30.41 -15.29 4.44
C SER B 134 29.19 -16.20 4.30
N LEU B 135 28.60 -16.28 3.10
CA LEU B 135 27.41 -17.08 2.90
C LEU B 135 27.68 -18.56 3.09
N LYS B 136 28.85 -19.03 2.62
CA LYS B 136 29.23 -20.43 2.79
C LYS B 136 29.12 -20.88 4.24
N LYS B 137 29.33 -19.96 5.19
CA LYS B 137 29.24 -20.34 6.59
C LYS B 137 27.85 -20.87 6.94
N SER B 138 26.83 -20.42 6.24
CA SER B 138 25.45 -20.83 6.52
C SER B 138 25.07 -22.12 5.81
N GLU B 139 26.03 -22.81 5.20
CA GLU B 139 25.80 -24.12 4.59
C GLU B 139 24.64 -24.11 3.58
N PRO B 140 24.71 -23.30 2.53
CA PRO B 140 23.70 -23.44 1.47
C PRO B 140 23.95 -24.72 0.70
N ALA B 141 22.91 -25.20 0.02
CA ALA B 141 23.08 -26.41 -0.78
C ALA B 141 24.12 -26.20 -1.87
N SER B 142 24.15 -25.01 -2.47
CA SER B 142 25.20 -24.65 -3.41
C SER B 142 25.23 -23.14 -3.49
N ILE B 143 26.33 -22.61 -3.98
CA ILE B 143 26.45 -21.17 -4.13
C ILE B 143 27.24 -20.88 -5.40
N LYS B 144 26.71 -19.96 -6.21
CA LYS B 144 27.31 -19.56 -7.47
C LYS B 144 27.18 -18.05 -7.56
N THR B 145 27.93 -17.45 -8.47
CA THR B 145 27.88 -16.01 -8.66
C THR B 145 27.54 -15.70 -10.11
N LEU B 146 26.77 -14.63 -10.29
CA LEU B 146 26.39 -14.11 -11.60
C LEU B 146 26.67 -12.62 -11.57
N VAL B 147 27.46 -12.13 -12.53
CA VAL B 147 27.78 -10.70 -12.59
C VAL B 147 27.38 -10.15 -13.94
N ALA B 148 26.91 -8.90 -13.94
CA ALA B 148 26.57 -8.25 -15.20
C ALA B 148 27.83 -7.88 -15.96
N ILE B 149 28.80 -7.28 -15.28
CA ILE B 149 30.03 -6.80 -15.89
C ILE B 149 31.21 -7.41 -15.15
N ASP B 150 32.06 -8.12 -15.88
CA ASP B 150 33.31 -8.64 -15.32
C ASP B 150 34.45 -7.83 -15.90
N LYS B 151 35.33 -7.36 -15.02
CA LYS B 151 36.56 -6.74 -15.48
C LYS B 151 37.70 -7.73 -15.26
N PRO B 152 37.91 -8.69 -16.16
CA PRO B 152 38.87 -9.76 -15.85
C PRO B 152 40.28 -9.27 -15.61
N GLY B 153 40.64 -8.09 -16.14
CA GLY B 153 41.97 -7.54 -15.95
C GLY B 153 42.13 -6.76 -14.67
N GLY B 154 41.11 -6.76 -13.81
CA GLY B 154 41.18 -6.00 -12.57
C GLY B 154 41.50 -6.77 -11.31
N ARG B 155 41.75 -8.08 -11.39
CA ARG B 155 41.78 -8.90 -10.19
C ARG B 155 42.95 -8.52 -9.27
N LYS B 156 42.67 -8.54 -7.97
CA LYS B 156 43.74 -8.59 -6.98
C LYS B 156 43.87 -9.97 -6.36
N ILE B 157 42.86 -10.82 -6.54
CA ILE B 157 42.94 -12.23 -6.17
C ILE B 157 42.28 -13.05 -7.27
N PRO B 158 42.68 -14.31 -7.40
CA PRO B 158 42.04 -15.17 -8.42
C PRO B 158 40.59 -15.44 -8.06
N PHE B 159 39.71 -15.20 -9.03
CA PHE B 159 38.28 -15.42 -8.83
C PHE B 159 37.60 -15.50 -10.18
N THR B 160 36.77 -16.53 -10.37
CA THR B 160 35.98 -16.70 -11.57
C THR B 160 34.49 -16.78 -11.20
N ALA B 161 33.68 -15.91 -11.79
CA ALA B 161 32.23 -15.99 -11.63
C ALA B 161 31.70 -17.13 -12.49
N GLU B 162 30.71 -17.87 -11.98
CA GLU B 162 30.14 -18.94 -12.79
C GLU B 162 29.44 -18.40 -14.03
N TYR B 163 28.80 -17.22 -13.91
CA TYR B 163 28.03 -16.65 -15.01
C TYR B 163 28.40 -15.19 -15.14
N VAL B 164 28.69 -14.77 -16.38
CA VAL B 164 29.14 -13.42 -16.70
C VAL B 164 28.33 -12.91 -17.89
N VAL B 165 27.66 -11.78 -17.73
CA VAL B 165 26.88 -11.23 -18.84
C VAL B 165 27.80 -10.59 -19.88
N ALA B 166 28.76 -9.77 -19.44
CA ALA B 166 29.66 -9.10 -20.38
C ALA B 166 31.00 -8.80 -19.72
N ASP B 167 32.06 -8.80 -20.53
CA ASP B 167 33.40 -8.41 -20.09
C ASP B 167 33.71 -6.98 -20.55
N VAL B 168 34.35 -6.21 -19.70
N VAL B 168 34.41 -6.23 -19.71
CA VAL B 168 34.83 -4.89 -20.12
CA VAL B 168 34.80 -4.84 -19.96
C VAL B 168 36.32 -4.81 -19.83
C VAL B 168 36.30 -4.71 -19.71
N PRO B 169 37.06 -3.98 -20.55
CA PRO B 169 38.49 -3.77 -20.23
C PRO B 169 38.67 -2.90 -18.99
N ASN B 170 39.91 -2.61 -18.60
CA ASN B 170 40.15 -1.83 -17.39
C ASN B 170 39.88 -0.35 -17.71
N VAL B 171 38.59 -0.01 -17.84
CA VAL B 171 38.17 1.39 -17.96
C VAL B 171 37.06 1.62 -16.93
N PHE B 172 36.79 2.88 -16.63
CA PHE B 172 35.79 3.19 -15.60
C PHE B 172 34.43 3.46 -16.23
N VAL B 173 33.43 2.66 -15.87
CA VAL B 173 32.12 2.71 -16.52
C VAL B 173 31.07 3.13 -15.51
N VAL B 174 29.97 3.69 -16.02
CA VAL B 174 28.77 3.96 -15.23
C VAL B 174 27.57 3.47 -16.01
N GLY B 175 26.41 3.43 -15.34
CA GLY B 175 25.22 3.01 -16.02
C GLY B 175 24.82 1.59 -15.62
N TYR B 176 23.56 1.25 -15.93
CA TYR B 176 22.98 -0.05 -15.55
C TYR B 176 23.26 -0.38 -14.08
N GLY B 177 23.07 0.61 -13.19
CA GLY B 177 23.27 0.45 -11.77
C GLY B 177 24.61 0.96 -11.26
N LEU B 178 25.62 1.05 -12.12
CA LEU B 178 26.96 1.49 -11.72
C LEU B 178 27.03 3.02 -11.63
N ASP B 179 27.59 3.54 -10.54
CA ASP B 179 27.60 4.96 -10.24
C ASP B 179 28.98 5.58 -10.43
N TYR B 180 28.97 6.89 -10.57
CA TYR B 180 30.09 7.73 -10.15
C TYR B 180 29.59 8.62 -9.00
N ASP B 181 30.19 8.46 -7.82
CA ASP B 181 29.76 9.14 -6.59
C ASP B 181 28.24 9.22 -6.47
N GLN B 182 27.60 8.06 -6.61
CA GLN B 182 26.16 7.87 -6.38
C GLN B 182 25.30 8.36 -7.55
N SER B 183 25.84 9.06 -8.53
CA SER B 183 25.05 9.46 -9.67
C SER B 183 25.29 8.49 -10.84
N TYR B 184 24.46 8.63 -11.88
CA TYR B 184 24.51 7.92 -13.16
C TYR B 184 24.10 6.44 -13.10
N ARG B 185 23.63 5.94 -11.95
CA ARG B 185 23.15 4.55 -11.93
C ARG B 185 21.98 4.34 -12.87
N GLU B 186 21.17 5.39 -13.10
CA GLU B 186 19.95 5.28 -13.88
C GLU B 186 20.20 5.31 -15.39
N VAL B 187 21.44 5.54 -15.83
CA VAL B 187 21.74 5.49 -17.26
C VAL B 187 21.44 4.09 -17.77
N ARG B 188 20.76 4.00 -18.92
CA ARG B 188 20.25 2.69 -19.30
C ARG B 188 21.34 1.78 -19.85
N ASP B 189 22.42 2.37 -20.36
CA ASP B 189 23.53 1.68 -20.99
C ASP B 189 24.76 1.72 -20.09
N VAL B 190 25.70 0.81 -20.34
CA VAL B 190 27.00 0.85 -19.69
C VAL B 190 27.94 1.66 -20.60
N VAL B 191 28.48 2.75 -20.06
CA VAL B 191 29.21 3.74 -20.85
C VAL B 191 30.50 4.08 -20.13
N ILE B 192 31.50 4.52 -20.88
CA ILE B 192 32.74 4.96 -20.26
C ILE B 192 32.57 6.41 -19.82
N LEU B 193 32.78 6.67 -18.54
CA LEU B 193 32.64 8.02 -18.00
C LEU B 193 33.69 8.94 -18.58
N LYS B 194 33.24 10.10 -19.06
CA LYS B 194 34.14 11.09 -19.64
C LYS B 194 35.03 11.70 -18.55
N PRO B 195 36.34 11.80 -18.76
CA PRO B 195 37.22 12.21 -17.65
C PRO B 195 36.91 13.57 -17.07
N SER B 196 36.47 14.54 -17.88
CA SER B 196 36.15 15.85 -17.34
C SER B 196 35.04 15.80 -16.29
N VAL B 197 34.23 14.74 -16.27
CA VAL B 197 33.20 14.63 -15.25
C VAL B 197 33.83 14.47 -13.87
N TYR B 198 34.74 13.52 -13.72
CA TYR B 198 35.32 13.33 -12.40
C TYR B 198 36.44 14.31 -12.09
N GLU B 199 37.11 14.84 -13.12
CA GLU B 199 38.04 15.94 -12.89
C GLU B 199 37.31 17.17 -12.36
N THR B 200 36.21 17.56 -13.02
CA THR B 200 35.40 18.69 -12.57
C THR B 200 34.89 18.45 -11.16
N TRP B 201 34.25 17.30 -10.93
CA TRP B 201 33.67 17.01 -9.63
C TRP B 201 34.74 16.89 -8.55
N GLY B 202 35.79 16.11 -8.81
CA GLY B 202 36.87 15.98 -7.85
C GLY B 202 37.40 17.32 -7.38
N LYS B 203 37.58 18.26 -8.32
CA LYS B 203 38.02 19.60 -7.93
C LYS B 203 36.99 20.26 -7.03
N GLU B 204 35.71 20.13 -7.37
CA GLU B 204 34.67 20.76 -6.56
C GLU B 204 34.65 20.18 -5.15
N LEU B 205 34.76 18.85 -5.03
CA LEU B 205 34.86 18.23 -3.72
C LEU B 205 36.06 18.78 -2.95
N GLU B 206 37.23 18.83 -3.58
CA GLU B 206 38.42 19.37 -2.92
C GLU B 206 38.26 20.85 -2.59
N ARG B 207 37.58 21.61 -3.45
CA ARG B 207 37.31 23.01 -3.16
C ARG B 207 36.39 23.15 -1.95
N ARG B 208 35.36 22.30 -1.86
CA ARG B 208 34.45 22.32 -0.72
C ARG B 208 35.18 21.94 0.56
N LYS B 209 36.14 21.03 0.48
CA LYS B 209 36.88 20.61 1.67
C LYS B 209 37.72 21.75 2.24
N ALA B 210 38.31 22.56 1.36
CA ALA B 210 39.09 23.71 1.80
C ALA B 210 38.23 24.91 2.18
N ALA B 211 36.94 24.88 1.86
CA ALA B 211 36.03 25.98 2.17
C ALA B 211 34.96 25.55 3.16
N CYS C 11 -14.30 -15.22 2.99
CA CYS C 11 -15.15 -14.16 2.47
C CYS C 11 -16.60 -14.27 2.95
N LYS C 12 -17.22 -13.10 3.13
CA LYS C 12 -18.63 -13.01 3.55
C LYS C 12 -19.54 -13.91 2.73
N TYR C 13 -19.29 -14.04 1.44
CA TYR C 13 -20.18 -14.75 0.53
C TYR C 13 -19.52 -16.02 0.01
N ASP C 14 -20.27 -17.13 0.08
CA ASP C 14 -19.81 -18.43 -0.38
C ASP C 14 -19.44 -18.46 -1.86
N PHE C 15 -20.00 -17.54 -2.66
CA PHE C 15 -19.81 -17.52 -4.11
C PHE C 15 -18.81 -16.47 -4.56
N ALA C 16 -18.23 -15.70 -3.64
CA ALA C 16 -17.35 -14.60 -3.97
C ALA C 16 -15.95 -14.82 -3.41
N THR C 17 -14.96 -14.32 -4.15
CA THR C 17 -13.58 -14.33 -3.68
C THR C 17 -13.32 -13.20 -2.69
N SER C 18 -13.84 -11.99 -2.99
CA SER C 18 -13.53 -10.76 -2.27
C SER C 18 -14.69 -9.80 -2.44
N VAL C 19 -14.96 -9.02 -1.40
CA VAL C 19 -15.88 -7.88 -1.48
C VAL C 19 -15.07 -6.64 -1.86
N LEU C 20 -15.43 -5.99 -2.96
CA LEU C 20 -14.70 -4.80 -3.37
C LEU C 20 -15.31 -3.54 -2.78
N PHE C 21 -16.64 -3.39 -2.86
CA PHE C 21 -17.31 -2.20 -2.31
C PHE C 21 -18.59 -2.63 -1.63
N THR C 22 -18.67 -2.36 -0.34
CA THR C 22 -19.91 -2.62 0.39
C THR C 22 -20.98 -1.62 -0.03
N GLU C 23 -22.23 -1.98 0.26
CA GLU C 23 -23.35 -1.06 0.09
C GLU C 23 -23.06 0.29 0.75
N ALA C 24 -22.56 0.27 2.00
CA ALA C 24 -22.30 1.53 2.70
C ALA C 24 -21.24 2.36 1.99
N GLU C 25 -20.19 1.71 1.50
CA GLU C 25 -19.15 2.47 0.79
C GLU C 25 -19.66 3.01 -0.54
N LEU C 26 -20.44 2.23 -1.29
CA LEU C 26 -21.07 2.74 -2.50
C LEU C 26 -21.92 3.96 -2.19
N HIS C 27 -22.77 3.87 -1.17
CA HIS C 27 -23.65 5.00 -0.83
C HIS C 27 -22.82 6.23 -0.46
N THR C 28 -21.76 6.04 0.33
CA THR C 28 -20.92 7.17 0.69
C THR C 28 -20.33 7.82 -0.55
N ARG C 29 -19.83 7.00 -1.49
CA ARG C 29 -19.31 7.55 -2.74
C ARG C 29 -20.38 8.25 -3.55
N MET C 30 -21.59 7.69 -3.56
CA MET C 30 -22.69 8.28 -4.32
C MET C 30 -23.12 9.63 -3.75
N ARG C 31 -23.04 9.79 -2.43
CA ARG C 31 -23.31 11.09 -1.83
C ARG C 31 -22.30 12.14 -2.29
N GLY C 32 -21.02 11.77 -2.36
CA GLY C 32 -20.02 12.69 -2.90
C GLY C 32 -20.28 13.03 -4.36
N VAL C 33 -20.68 12.04 -5.16
CA VAL C 33 -21.01 12.29 -6.56
C VAL C 33 -22.26 13.16 -6.67
N ALA C 34 -23.26 12.90 -5.81
CA ALA C 34 -24.49 13.68 -5.86
C ALA C 34 -24.26 15.15 -5.54
N GLN C 35 -23.34 15.42 -4.62
CA GLN C 35 -23.03 16.82 -4.33
C GLN C 35 -22.41 17.51 -5.54
N ARG C 36 -21.56 16.81 -6.28
CA ARG C 36 -21.00 17.39 -7.49
C ARG C 36 -22.08 17.63 -8.54
N ILE C 37 -22.98 16.66 -8.69
CA ILE C 37 -24.09 16.81 -9.63
C ILE C 37 -24.96 18.00 -9.22
N ALA C 38 -25.29 18.10 -7.93
CA ALA C 38 -26.06 19.24 -7.46
C ALA C 38 -25.36 20.55 -7.78
N ASP C 39 -24.04 20.61 -7.57
CA ASP C 39 -23.29 21.82 -7.88
C ASP C 39 -23.27 22.09 -9.38
N ASP C 40 -23.03 21.04 -10.18
CA ASP C 40 -22.89 21.20 -11.62
C ASP C 40 -24.20 21.64 -12.29
N TYR C 41 -25.36 21.22 -11.76
CA TYR C 41 -26.64 21.58 -12.36
C TYR C 41 -27.35 22.73 -11.64
N SER C 42 -26.70 23.37 -10.66
CA SER C 42 -27.34 24.43 -9.91
CA SER C 42 -27.38 24.41 -9.91
C SER C 42 -27.73 25.61 -10.80
N ASN C 43 -26.97 25.84 -11.89
CA ASN C 43 -27.24 26.92 -12.84
C ASN C 43 -28.32 26.58 -13.86
N CYS C 44 -28.93 25.39 -13.79
CA CYS C 44 -29.94 24.97 -14.75
C CYS C 44 -31.39 25.25 -14.31
N ASN C 45 -31.60 25.70 -13.08
CA ASN C 45 -32.96 25.91 -12.55
C ASN C 45 -33.84 24.67 -12.78
N LEU C 46 -33.35 23.52 -12.32
CA LEU C 46 -34.13 22.29 -12.34
C LEU C 46 -35.28 22.38 -11.37
N LYS C 47 -36.43 21.82 -11.76
CA LYS C 47 -37.62 21.88 -10.90
C LYS C 47 -38.46 20.65 -11.19
N PRO C 48 -39.12 20.05 -10.19
CA PRO C 48 -40.08 18.99 -10.51
C PRO C 48 -41.11 19.48 -11.52
N LEU C 49 -41.51 18.58 -12.41
CA LEU C 49 -42.56 18.80 -13.41
C LEU C 49 -42.14 19.76 -14.51
N GLU C 50 -41.79 20.99 -14.14
N GLU C 50 -41.77 20.99 -14.14
CA GLU C 50 -41.41 22.00 -15.13
CA GLU C 50 -41.42 21.99 -15.16
C GLU C 50 -40.09 21.65 -15.81
C GLU C 50 -40.10 21.67 -15.82
N ASN C 51 -39.10 21.18 -15.05
CA ASN C 51 -37.79 20.99 -15.64
C ASN C 51 -36.95 20.00 -14.83
N PRO C 52 -37.37 18.72 -14.74
CA PRO C 52 -36.55 17.75 -14.03
C PRO C 52 -35.29 17.40 -14.82
N LEU C 53 -34.29 16.91 -14.09
CA LEU C 53 -33.19 16.19 -14.71
C LEU C 53 -33.71 14.84 -15.21
N VAL C 54 -33.56 14.54 -16.49
CA VAL C 54 -34.02 13.27 -17.01
C VAL C 54 -32.95 12.21 -16.79
N ILE C 55 -33.30 11.19 -16.01
CA ILE C 55 -32.42 10.05 -15.73
C ILE C 55 -32.74 8.96 -16.73
N VAL C 56 -31.77 8.58 -17.56
CA VAL C 56 -31.98 7.48 -18.50
C VAL C 56 -31.21 6.29 -17.97
N SER C 57 -31.95 5.26 -17.54
CA SER C 57 -31.38 4.10 -16.86
C SER C 57 -31.27 2.95 -17.85
N VAL C 58 -30.08 2.41 -18.04
CA VAL C 58 -29.87 1.36 -19.02
C VAL C 58 -30.13 0.03 -18.33
N LEU C 59 -31.20 -0.64 -18.71
CA LEU C 59 -31.58 -1.91 -18.09
C LEU C 59 -30.68 -3.03 -18.60
N LYS C 60 -30.59 -4.14 -17.85
CA LYS C 60 -31.30 -4.36 -16.58
C LYS C 60 -30.51 -3.91 -15.36
N GLY C 61 -29.18 -4.06 -15.42
CA GLY C 61 -28.37 -4.01 -14.22
C GLY C 61 -28.40 -2.67 -13.52
N SER C 62 -28.71 -1.60 -14.24
N SER C 62 -28.71 -1.60 -14.24
CA SER C 62 -28.65 -0.29 -13.61
CA SER C 62 -28.65 -0.29 -13.60
C SER C 62 -29.84 -0.01 -12.69
C SER C 62 -29.83 -0.02 -12.67
N PHE C 63 -30.80 -0.93 -12.57
CA PHE C 63 -32.02 -0.60 -11.83
C PHE C 63 -31.74 -0.35 -10.34
N VAL C 64 -30.81 -1.11 -9.74
CA VAL C 64 -30.54 -0.93 -8.32
C VAL C 64 -29.84 0.40 -8.08
N PHE C 65 -28.80 0.68 -8.86
CA PHE C 65 -28.06 1.93 -8.76
C PHE C 65 -28.97 3.12 -9.01
N THR C 66 -29.86 2.98 -9.98
CA THR C 66 -30.78 4.08 -10.29
C THR C 66 -31.73 4.34 -9.13
N ALA C 67 -32.31 3.28 -8.56
CA ALA C 67 -33.19 3.45 -7.40
C ALA C 67 -32.48 4.20 -6.28
N ASP C 68 -31.25 3.79 -5.95
CA ASP C 68 -30.53 4.45 -4.86
C ASP C 68 -30.12 5.85 -5.26
N MET C 69 -29.67 6.03 -6.50
CA MET C 69 -29.08 7.32 -6.87
C MET C 69 -30.13 8.41 -6.96
N VAL C 70 -31.33 8.10 -7.49
CA VAL C 70 -32.32 9.17 -7.58
C VAL C 70 -32.74 9.63 -6.19
N ARG C 71 -32.79 8.71 -5.23
CA ARG C 71 -33.17 9.07 -3.87
C ARG C 71 -32.11 9.94 -3.23
N ILE C 72 -30.84 9.63 -3.46
CA ILE C 72 -29.77 10.47 -2.96
C ILE C 72 -29.78 11.83 -3.67
N LEU C 73 -30.01 11.82 -4.99
CA LEU C 73 -30.06 13.09 -5.70
C LEU C 73 -31.18 13.97 -5.17
N GLY C 74 -32.36 13.37 -4.93
CA GLY C 74 -33.43 14.10 -4.27
C GLY C 74 -33.01 14.69 -2.94
N ASP C 75 -32.24 13.92 -2.14
CA ASP C 75 -31.71 14.47 -0.88
C ASP C 75 -30.93 15.75 -1.13
N PHE C 76 -30.20 15.81 -2.25
CA PHE C 76 -29.37 16.96 -2.56
C PHE C 76 -30.11 18.00 -3.38
N GLY C 77 -31.44 17.91 -3.45
CA GLY C 77 -32.22 18.93 -4.11
C GLY C 77 -32.16 18.88 -5.61
N VAL C 78 -31.85 17.73 -6.19
CA VAL C 78 -31.85 17.54 -7.63
C VAL C 78 -33.11 16.75 -7.99
N PRO C 79 -34.14 17.36 -8.55
CA PRO C 79 -35.33 16.59 -8.92
C PRO C 79 -35.12 15.88 -10.25
N THR C 80 -35.69 14.67 -10.36
CA THR C 80 -35.47 13.82 -11.52
C THR C 80 -36.78 13.25 -12.07
N ARG C 81 -36.70 12.75 -13.31
CA ARG C 81 -37.68 11.79 -13.83
C ARG C 81 -36.88 10.69 -14.51
N VAL C 82 -37.42 9.48 -14.49
N VAL C 82 -37.41 9.47 -14.48
CA VAL C 82 -36.64 8.34 -14.97
CA VAL C 82 -36.66 8.29 -14.92
C VAL C 82 -37.25 7.82 -16.26
C VAL C 82 -37.25 7.75 -16.21
N GLU C 83 -36.36 7.34 -17.11
CA GLU C 83 -36.75 6.58 -18.30
C GLU C 83 -35.85 5.36 -18.33
N PHE C 84 -36.33 4.28 -18.93
CA PHE C 84 -35.62 3.02 -18.96
C PHE C 84 -35.39 2.58 -20.40
N LEU C 85 -34.13 2.30 -20.74
CA LEU C 85 -33.75 1.78 -22.05
C LEU C 85 -33.19 0.38 -21.88
N ARG C 86 -33.37 -0.47 -22.89
CA ARG C 86 -32.83 -1.83 -22.82
C ARG C 86 -31.45 -1.86 -23.48
N ALA C 87 -30.48 -2.45 -22.80
CA ALA C 87 -29.08 -2.46 -23.28
C ALA C 87 -28.92 -3.21 -24.60
N ASP C 109 -38.74 11.78 -24.92
CA ASP C 109 -39.24 13.12 -24.61
C ASP C 109 -38.15 14.00 -23.97
N ILE C 110 -36.98 14.05 -24.60
CA ILE C 110 -35.83 14.70 -24.00
C ILE C 110 -35.42 15.97 -24.71
N ARG C 111 -36.08 16.35 -25.81
CA ARG C 111 -35.70 17.56 -26.53
C ARG C 111 -35.66 18.76 -25.59
N GLY C 112 -34.52 19.45 -25.58
CA GLY C 112 -34.38 20.63 -24.74
C GLY C 112 -34.24 20.36 -23.26
N LYS C 113 -34.13 19.09 -22.84
CA LYS C 113 -34.04 18.72 -21.44
C LYS C 113 -32.62 18.29 -21.10
N HIS C 114 -32.22 18.44 -19.83
CA HIS C 114 -30.95 17.90 -19.36
C HIS C 114 -31.08 16.39 -19.11
N VAL C 115 -30.13 15.63 -19.66
CA VAL C 115 -30.17 14.16 -19.60
C VAL C 115 -28.93 13.65 -18.87
N LEU C 116 -29.14 12.75 -17.92
CA LEU C 116 -28.06 12.02 -17.27
C LEU C 116 -28.33 10.54 -17.46
N VAL C 117 -27.44 9.87 -18.20
CA VAL C 117 -27.52 8.44 -18.48
C VAL C 117 -26.81 7.69 -17.37
N LEU C 118 -27.51 6.71 -16.78
CA LEU C 118 -26.97 5.90 -15.70
C LEU C 118 -26.76 4.46 -16.17
N GLU C 119 -25.55 3.94 -15.95
N GLU C 119 -25.58 3.94 -15.93
CA GLU C 119 -25.16 2.58 -16.29
CA GLU C 119 -25.23 2.57 -16.24
C GLU C 119 -24.54 1.96 -15.05
C GLU C 119 -24.57 1.97 -15.01
N ASP C 120 -24.81 0.67 -14.81
CA ASP C 120 -24.15 0.01 -13.67
C ASP C 120 -22.65 -0.14 -13.91
N ILE C 121 -22.24 -0.50 -15.13
CA ILE C 121 -20.81 -0.73 -15.36
C ILE C 121 -20.44 -0.29 -16.76
N LEU C 122 -19.29 0.34 -16.87
CA LEU C 122 -18.72 0.83 -18.12
C LEU C 122 -17.40 0.11 -18.34
N ASP C 123 -17.28 -0.60 -19.47
CA ASP C 123 -16.13 -1.46 -19.73
C ASP C 123 -15.56 -1.16 -21.12
N THR C 124 -16.04 -1.82 -22.18
CA THR C 124 -15.55 -1.48 -23.52
C THR C 124 -16.00 -0.09 -23.96
N ALA C 125 -17.07 0.43 -23.36
CA ALA C 125 -17.77 1.68 -23.69
C ALA C 125 -18.65 1.54 -24.93
N LEU C 126 -18.74 0.37 -25.55
CA LEU C 126 -19.59 0.24 -26.73
C LEU C 126 -21.04 0.56 -26.42
N THR C 127 -21.54 0.13 -25.26
CA THR C 127 -22.95 0.36 -24.91
C THR C 127 -23.24 1.83 -24.75
N LEU C 128 -22.44 2.53 -23.95
CA LEU C 128 -22.76 3.92 -23.64
C LEU C 128 -22.56 4.82 -24.84
N ARG C 129 -21.53 4.53 -25.65
CA ARG C 129 -21.29 5.35 -26.85
C ARG C 129 -22.51 5.32 -27.77
N GLU C 130 -23.08 4.13 -27.96
CA GLU C 130 -24.29 4.03 -28.78
C GLU C 130 -25.49 4.69 -28.09
N VAL C 131 -25.66 4.49 -26.78
CA VAL C 131 -26.82 5.09 -26.11
C VAL C 131 -26.76 6.61 -26.23
N VAL C 132 -25.62 7.19 -25.86
CA VAL C 132 -25.45 8.63 -25.90
C VAL C 132 -25.63 9.17 -27.31
N ASP C 133 -25.02 8.51 -28.30
CA ASP C 133 -25.21 8.97 -29.68
C ASP C 133 -26.69 8.96 -30.08
N SER C 134 -27.42 7.92 -29.67
CA SER C 134 -28.83 7.82 -30.01
CA SER C 134 -28.84 7.82 -30.02
C SER C 134 -29.64 8.95 -29.37
N LEU C 135 -29.42 9.17 -28.07
CA LEU C 135 -30.12 10.24 -27.38
C LEU C 135 -29.81 11.61 -28.00
N LYS C 136 -28.57 11.81 -28.44
CA LYS C 136 -28.18 13.09 -29.02
C LYS C 136 -29.02 13.44 -30.24
N LYS C 137 -29.56 12.44 -30.92
CA LYS C 137 -30.43 12.70 -32.06
C LYS C 137 -31.69 13.46 -31.67
N SER C 138 -32.11 13.36 -30.42
CA SER C 138 -33.29 14.07 -29.95
C SER C 138 -32.99 15.47 -29.45
N GLU C 139 -31.74 15.93 -29.57
CA GLU C 139 -31.34 17.27 -29.15
C GLU C 139 -31.76 17.61 -27.72
N PRO C 140 -31.25 16.89 -26.73
CA PRO C 140 -31.46 17.32 -25.34
C PRO C 140 -30.63 18.57 -25.08
N ALA C 141 -30.99 19.30 -24.02
CA ALA C 141 -30.22 20.49 -23.65
C ALA C 141 -28.76 20.13 -23.35
N SER C 142 -28.54 19.01 -22.68
CA SER C 142 -27.20 18.51 -22.41
C SER C 142 -27.34 17.01 -22.12
N ILE C 143 -26.24 16.29 -22.27
CA ILE C 143 -26.23 14.87 -21.93
C ILE C 143 -24.90 14.54 -21.28
N LYS C 144 -24.96 13.90 -20.11
CA LYS C 144 -23.78 13.43 -19.38
C LYS C 144 -24.03 12.00 -18.93
N THR C 145 -22.98 11.34 -18.44
CA THR C 145 -23.11 9.96 -17.98
C THR C 145 -22.60 9.82 -16.56
N LEU C 146 -23.22 8.88 -15.86
CA LEU C 146 -22.90 8.55 -14.48
C LEU C 146 -22.88 7.04 -14.42
N VAL C 147 -21.76 6.45 -14.04
CA VAL C 147 -21.70 5.00 -13.94
C VAL C 147 -21.34 4.62 -12.50
N ALA C 148 -21.89 3.49 -12.07
CA ALA C 148 -21.53 2.97 -10.75
C ALA C 148 -20.10 2.44 -10.77
N ILE C 149 -19.77 1.57 -11.73
CA ILE C 149 -18.48 0.90 -11.82
C ILE C 149 -17.89 1.24 -13.18
N ASP C 150 -16.68 1.80 -13.18
CA ASP C 150 -15.93 1.97 -14.42
C ASP C 150 -14.79 0.96 -14.40
N LYS C 151 -14.59 0.28 -15.50
CA LYS C 151 -13.40 -0.52 -15.73
C LYS C 151 -12.56 0.23 -16.74
N PRO C 152 -11.78 1.22 -16.30
CA PRO C 152 -11.02 2.04 -17.26
C PRO C 152 -10.16 1.21 -18.20
N GLY C 153 -9.71 0.03 -17.77
CA GLY C 153 -8.81 -0.74 -18.61
C GLY C 153 -9.48 -1.54 -19.71
N GLY C 154 -10.81 -1.59 -19.75
CA GLY C 154 -11.48 -2.43 -20.72
C GLY C 154 -11.88 -1.76 -22.02
N ARG C 155 -11.52 -0.50 -22.24
CA ARG C 155 -12.04 0.25 -23.38
C ARG C 155 -11.70 -0.39 -24.71
N LYS C 156 -12.70 -0.46 -25.60
CA LYS C 156 -12.44 -0.71 -27.01
C LYS C 156 -12.51 0.56 -27.84
N ILE C 157 -12.98 1.66 -27.25
CA ILE C 157 -13.01 2.99 -27.86
C ILE C 157 -12.78 4.01 -26.74
N PRO C 158 -12.25 5.20 -27.03
CA PRO C 158 -12.05 6.18 -25.95
C PRO C 158 -13.38 6.71 -25.43
N PHE C 159 -13.56 6.68 -24.11
CA PHE C 159 -14.81 7.17 -23.51
C PHE C 159 -14.55 7.49 -22.05
N THR C 160 -15.01 8.67 -21.62
CA THR C 160 -14.89 9.11 -20.24
C THR C 160 -16.27 9.45 -19.73
N ALA C 161 -16.71 8.78 -18.65
CA ALA C 161 -17.95 9.15 -18.00
C ALA C 161 -17.73 10.43 -17.19
N GLU C 162 -18.75 11.30 -17.14
CA GLU C 162 -18.60 12.53 -16.37
C GLU C 162 -18.49 12.23 -14.89
N TYR C 163 -19.19 11.20 -14.43
CA TYR C 163 -19.25 10.86 -13.02
C TYR C 163 -19.06 9.36 -12.87
N VAL C 164 -18.19 8.97 -11.96
CA VAL C 164 -17.85 7.57 -11.72
C VAL C 164 -17.93 7.31 -10.22
N VAL C 165 -18.72 6.34 -9.80
CA VAL C 165 -18.78 6.03 -8.38
C VAL C 165 -17.52 5.29 -7.95
N ALA C 166 -17.13 4.24 -8.68
CA ALA C 166 -15.92 3.51 -8.32
C ALA C 166 -15.29 2.89 -9.56
N ASP C 167 -13.95 2.72 -9.50
CA ASP C 167 -13.16 2.03 -10.52
C ASP C 167 -12.96 0.58 -10.12
N VAL C 168 -12.91 -0.30 -11.12
CA VAL C 168 -12.59 -1.71 -10.90
C VAL C 168 -11.54 -2.13 -11.93
N PRO C 169 -10.54 -2.97 -11.57
CA PRO C 169 -9.59 -3.44 -12.57
C PRO C 169 -10.13 -4.64 -13.34
N ASN C 170 -9.24 -5.42 -13.93
CA ASN C 170 -9.63 -6.53 -14.82
C ASN C 170 -10.06 -7.73 -13.97
N VAL C 171 -11.25 -7.62 -13.39
CA VAL C 171 -11.85 -8.69 -12.60
C VAL C 171 -13.33 -8.73 -12.92
N PHE C 172 -13.95 -9.89 -12.73
CA PHE C 172 -15.36 -10.03 -13.07
C PHE C 172 -16.18 -9.91 -11.80
N VAL C 173 -17.06 -8.91 -11.75
CA VAL C 173 -17.78 -8.61 -10.52
C VAL C 173 -19.28 -8.84 -10.72
N VAL C 174 -19.95 -9.17 -9.62
CA VAL C 174 -21.41 -9.18 -9.57
C VAL C 174 -21.85 -8.38 -8.34
N GLY C 175 -23.17 -8.14 -8.29
CA GLY C 175 -23.77 -7.46 -7.17
C GLY C 175 -24.13 -6.02 -7.50
N TYR C 176 -24.97 -5.44 -6.66
CA TYR C 176 -25.45 -4.07 -6.84
C TYR C 176 -25.99 -3.86 -8.26
N GLY C 177 -26.77 -4.84 -8.72
CA GLY C 177 -27.37 -4.81 -10.03
C GLY C 177 -26.64 -5.64 -11.07
N LEU C 178 -25.36 -5.93 -10.85
CA LEU C 178 -24.54 -6.65 -11.81
C LEU C 178 -24.75 -8.15 -11.64
N ASP C 179 -24.93 -8.85 -12.76
CA ASP C 179 -25.32 -10.25 -12.76
C ASP C 179 -24.21 -11.14 -13.28
N TYR C 180 -24.36 -12.43 -13.03
CA TYR C 180 -23.76 -13.47 -13.88
C TYR C 180 -24.90 -14.36 -14.36
N ASP C 181 -25.10 -14.41 -15.67
CA ASP C 181 -26.22 -15.14 -16.29
C ASP C 181 -27.52 -14.92 -15.52
N GLN C 182 -27.80 -13.64 -15.22
CA GLN C 182 -29.02 -13.07 -14.65
C GLN C 182 -29.11 -13.26 -13.13
N SER C 183 -28.21 -13.99 -12.49
CA SER C 183 -28.24 -14.15 -11.04
C SER C 183 -27.27 -13.18 -10.38
N TYR C 184 -27.40 -13.05 -9.04
CA TYR C 184 -26.53 -12.27 -8.16
C TYR C 184 -26.71 -10.75 -8.29
N ARG C 185 -27.72 -10.28 -9.01
CA ARG C 185 -27.94 -8.84 -9.06
C ARG C 185 -28.32 -8.28 -7.68
N GLU C 186 -28.93 -9.12 -6.83
CA GLU C 186 -29.49 -8.72 -5.54
C GLU C 186 -28.44 -8.66 -4.44
N VAL C 187 -27.22 -9.11 -4.71
CA VAL C 187 -26.15 -9.01 -3.74
C VAL C 187 -25.92 -7.55 -3.39
N ARG C 188 -25.82 -7.24 -2.10
CA ARG C 188 -25.87 -5.83 -1.71
C ARG C 188 -24.57 -5.10 -2.02
N ASP C 189 -23.46 -5.84 -2.13
CA ASP C 189 -22.12 -5.33 -2.34
C ASP C 189 -21.63 -5.73 -3.72
N VAL C 190 -20.60 -5.05 -4.20
CA VAL C 190 -19.93 -5.44 -5.43
C VAL C 190 -18.78 -6.37 -5.04
N VAL C 191 -18.83 -7.59 -5.56
CA VAL C 191 -17.95 -8.68 -5.12
C VAL C 191 -17.34 -9.31 -6.37
N ILE C 192 -16.18 -9.94 -6.20
CA ILE C 192 -15.57 -10.71 -7.29
C ILE C 192 -16.17 -12.11 -7.26
N LEU C 193 -16.74 -12.53 -8.38
CA LEU C 193 -17.37 -13.85 -8.45
C LEU C 193 -16.31 -14.94 -8.43
N LYS C 194 -16.51 -15.97 -7.61
CA LYS C 194 -15.57 -17.08 -7.56
C LYS C 194 -15.45 -17.74 -8.94
N PRO C 195 -14.22 -18.05 -9.38
CA PRO C 195 -14.06 -18.72 -10.69
C PRO C 195 -14.82 -20.03 -10.82
N SER C 196 -14.90 -20.83 -9.75
CA SER C 196 -15.60 -22.10 -9.84
C SER C 196 -17.08 -21.89 -10.19
N VAL C 197 -17.66 -20.75 -9.83
CA VAL C 197 -19.07 -20.51 -10.17
C VAL C 197 -19.24 -20.45 -11.68
N TYR C 198 -18.47 -19.61 -12.37
CA TYR C 198 -18.73 -19.42 -13.79
C TYR C 198 -18.02 -20.44 -14.66
N GLU C 199 -16.94 -21.04 -14.19
CA GLU C 199 -16.32 -22.12 -14.95
C GLU C 199 -17.27 -23.30 -15.07
N THR C 200 -17.85 -23.72 -13.95
CA THR C 200 -18.75 -24.86 -13.97
C THR C 200 -20.04 -24.54 -14.72
N TRP C 201 -20.63 -23.37 -14.43
CA TRP C 201 -21.90 -23.01 -15.07
C TRP C 201 -21.71 -22.73 -16.56
N GLY C 202 -20.65 -22.01 -16.93
CA GLY C 202 -20.38 -21.78 -18.33
C GLY C 202 -20.32 -23.05 -19.15
N LYS C 203 -19.66 -24.09 -18.62
CA LYS C 203 -19.66 -25.39 -19.28
C LYS C 203 -21.08 -25.95 -19.39
N GLU C 204 -21.97 -25.54 -18.49
CA GLU C 204 -23.34 -26.02 -18.49
C GLU C 204 -24.16 -25.41 -19.63
N LEU C 205 -24.03 -24.10 -19.82
CA LEU C 205 -24.82 -23.36 -20.80
C LEU C 205 -24.52 -23.81 -22.23
N CYS D 11 -0.59 -18.31 41.41
CA CYS D 11 -1.62 -17.49 40.76
C CYS D 11 -3.00 -18.09 40.99
N LYS D 12 -3.95 -17.27 41.45
CA LYS D 12 -5.24 -17.81 41.85
C LYS D 12 -6.16 -18.11 40.67
N TYR D 13 -5.76 -17.77 39.45
CA TYR D 13 -6.60 -17.99 38.28
C TYR D 13 -5.98 -19.10 37.42
N ASP D 14 -6.74 -20.20 37.24
CA ASP D 14 -6.31 -21.32 36.42
C ASP D 14 -5.98 -20.91 34.99
N PHE D 15 -6.57 -19.83 34.51
CA PHE D 15 -6.42 -19.39 33.13
C PHE D 15 -5.34 -18.32 32.95
N ALA D 16 -4.55 -18.04 33.98
CA ALA D 16 -3.57 -16.96 33.92
C ALA D 16 -2.22 -17.42 34.45
N THR D 17 -1.15 -16.79 33.96
CA THR D 17 0.15 -17.11 34.51
C THR D 17 0.63 -16.09 35.54
N SER D 18 0.15 -14.85 35.47
N SER D 18 0.17 -14.85 35.44
CA SER D 18 0.58 -13.88 36.47
CA SER D 18 0.56 -13.82 36.40
C SER D 18 -0.43 -12.74 36.55
C SER D 18 -0.61 -12.86 36.57
N VAL D 19 -0.74 -12.33 37.77
CA VAL D 19 -1.59 -11.19 38.02
C VAL D 19 -0.70 -9.96 37.96
N LEU D 20 -1.04 -9.00 37.11
CA LEU D 20 -0.21 -7.80 37.02
C LEU D 20 -0.73 -6.67 37.92
N PHE D 21 -2.04 -6.41 37.88
CA PHE D 21 -2.66 -5.35 38.69
C PHE D 21 -3.94 -5.90 39.29
N THR D 22 -4.02 -5.86 40.62
CA THR D 22 -5.26 -6.19 41.27
C THR D 22 -6.24 -5.03 41.12
N GLU D 23 -7.53 -5.36 41.30
CA GLU D 23 -8.56 -4.34 41.43
C GLU D 23 -8.15 -3.23 42.39
N ALA D 24 -7.62 -3.58 43.57
CA ALA D 24 -7.30 -2.57 44.57
C ALA D 24 -6.17 -1.65 44.10
N GLU D 25 -5.15 -2.21 43.45
CA GLU D 25 -4.06 -1.39 42.89
C GLU D 25 -4.56 -0.43 41.82
N LEU D 26 -5.42 -0.93 40.91
CA LEU D 26 -6.00 -0.06 39.87
C LEU D 26 -6.74 1.11 40.49
N HIS D 27 -7.62 0.82 41.45
CA HIS D 27 -8.39 1.86 42.14
C HIS D 27 -7.48 2.87 42.82
N THR D 28 -6.40 2.40 43.45
CA THR D 28 -5.45 3.32 44.06
C THR D 28 -4.85 4.25 43.01
N ARG D 29 -4.38 3.67 41.90
CA ARG D 29 -3.85 4.47 40.81
C ARG D 29 -4.90 5.42 40.23
N MET D 30 -6.14 4.95 40.15
CA MET D 30 -7.19 5.80 39.59
C MET D 30 -7.49 7.00 40.48
N ARG D 31 -7.39 6.85 41.81
CA ARG D 31 -7.60 8.01 42.68
C ARG D 31 -6.49 9.05 42.47
N GLY D 32 -5.26 8.61 42.24
CA GLY D 32 -4.20 9.55 41.93
C GLY D 32 -4.47 10.31 40.64
N VAL D 33 -4.92 9.59 39.61
CA VAL D 33 -5.26 10.21 38.34
C VAL D 33 -6.46 11.16 38.50
N ALA D 34 -7.47 10.75 39.28
CA ALA D 34 -8.63 11.61 39.48
C ALA D 34 -8.24 12.93 40.10
N GLN D 35 -7.27 12.92 41.03
CA GLN D 35 -6.81 14.15 41.65
C GLN D 35 -6.14 15.08 40.64
N ARG D 36 -5.34 14.52 39.73
CA ARG D 36 -4.73 15.32 38.67
C ARG D 36 -5.80 15.90 37.76
N ILE D 37 -6.79 15.07 37.40
CA ILE D 37 -7.90 15.52 36.56
C ILE D 37 -8.67 16.65 37.26
N ALA D 38 -9.00 16.46 38.54
CA ALA D 38 -9.69 17.51 39.28
C ALA D 38 -8.88 18.81 39.27
N ASP D 39 -7.56 18.71 39.43
CA ASP D 39 -6.70 19.90 39.36
C ASP D 39 -6.72 20.50 37.95
N ASP D 40 -6.58 19.66 36.92
CA ASP D 40 -6.42 20.18 35.57
C ASP D 40 -7.67 20.88 35.07
N TYR D 41 -8.86 20.41 35.46
CA TYR D 41 -10.10 21.01 35.01
C TYR D 41 -10.70 21.97 36.03
N SER D 42 -9.93 22.35 37.06
CA SER D 42 -10.46 23.20 38.12
CA SER D 42 -10.45 23.19 38.12
C SER D 42 -10.83 24.60 37.66
N ASN D 43 -10.44 25.00 36.44
CA ASN D 43 -10.77 26.34 35.96
C ASN D 43 -11.73 26.30 34.76
N CYS D 44 -12.33 25.15 34.49
CA CYS D 44 -13.40 25.01 33.50
C CYS D 44 -14.78 25.12 34.11
N ASN D 45 -14.86 25.29 35.43
CA ASN D 45 -16.12 25.35 36.17
C ASN D 45 -17.12 24.28 35.70
N LEU D 46 -16.72 23.03 35.88
CA LEU D 46 -17.61 21.93 35.60
C LEU D 46 -18.69 21.83 36.68
N LYS D 47 -19.91 21.53 36.25
CA LYS D 47 -21.14 21.49 37.05
C LYS D 47 -22.04 20.44 36.44
N PRO D 48 -22.78 19.68 37.23
CA PRO D 48 -23.84 18.83 36.66
C PRO D 48 -24.80 19.68 35.86
N LEU D 49 -25.35 19.09 34.79
CA LEU D 49 -26.40 19.69 33.96
C LEU D 49 -25.89 20.88 33.15
N GLU D 50 -25.36 21.91 33.81
CA GLU D 50 -24.91 23.10 33.09
C GLU D 50 -23.63 22.81 32.29
N ASN D 51 -22.68 22.08 32.87
CA ASN D 51 -21.39 21.94 32.21
C ASN D 51 -20.60 20.72 32.70
N PRO D 52 -21.12 19.51 32.51
CA PRO D 52 -20.35 18.33 32.92
C PRO D 52 -19.18 18.07 31.99
N LEU D 53 -18.19 17.37 32.53
CA LEU D 53 -17.15 16.79 31.70
C LEU D 53 -17.78 15.67 30.87
N VAL D 54 -17.62 15.72 29.56
CA VAL D 54 -18.19 14.67 28.71
C VAL D 54 -17.20 13.51 28.64
N ILE D 55 -17.61 12.35 29.14
CA ILE D 55 -16.81 11.14 29.10
C ILE D 55 -17.23 10.35 27.87
N VAL D 56 -16.30 10.12 26.95
CA VAL D 56 -16.56 9.28 25.78
C VAL D 56 -15.88 7.93 26.00
N SER D 57 -16.68 6.90 26.21
CA SER D 57 -16.22 5.57 26.55
C SER D 57 -16.23 4.69 25.31
N VAL D 58 -15.09 4.09 25.00
CA VAL D 58 -14.95 3.28 23.79
C VAL D 58 -15.32 1.84 24.12
N LEU D 59 -16.43 1.35 23.57
CA LEU D 59 -16.89 0.00 23.82
C LEU D 59 -15.98 -1.01 23.08
N LYS D 60 -15.93 -2.24 23.56
N LYS D 60 -15.94 -2.26 23.53
CA LYS D 60 -16.76 -2.74 24.66
CA LYS D 60 -16.72 -2.77 24.65
C LYS D 60 -16.02 -2.82 25.99
C LYS D 60 -15.98 -2.63 25.97
N GLY D 61 -14.70 -3.03 25.96
CA GLY D 61 -13.96 -3.29 27.20
C GLY D 61 -13.88 -2.14 28.17
N SER D 62 -14.02 -0.91 27.69
CA SER D 62 -13.92 0.25 28.58
C SER D 62 -15.05 0.36 29.59
N PHE D 63 -16.08 -0.49 29.52
CA PHE D 63 -17.26 -0.23 30.33
C PHE D 63 -16.96 -0.40 31.82
N VAL D 64 -16.10 -1.35 32.18
CA VAL D 64 -15.76 -1.54 33.58
C VAL D 64 -14.96 -0.35 34.11
N PHE D 65 -13.89 0.00 33.40
CA PHE D 65 -13.04 1.13 33.76
C PHE D 65 -13.87 2.40 33.87
N THR D 66 -14.76 2.62 32.89
CA THR D 66 -15.60 3.81 32.89
C THR D 66 -16.50 3.84 34.13
N ALA D 67 -17.17 2.73 34.42
CA ALA D 67 -18.04 2.69 35.58
C ALA D 67 -17.28 3.01 36.86
N ASP D 68 -16.07 2.47 37.03
CA ASP D 68 -15.30 2.76 38.25
C ASP D 68 -14.76 4.20 38.22
N MET D 69 -14.30 4.64 37.05
CA MET D 69 -13.62 5.93 36.98
C MET D 69 -14.59 7.09 37.14
N VAL D 70 -15.81 7.03 36.57
CA VAL D 70 -16.72 8.15 36.77
C VAL D 70 -17.11 8.28 38.24
N ARG D 71 -17.27 7.15 38.96
CA ARG D 71 -17.59 7.21 40.37
C ARG D 71 -16.45 7.82 41.18
N ILE D 72 -15.21 7.49 40.83
CA ILE D 72 -14.06 8.08 41.51
C ILE D 72 -13.95 9.56 41.16
N LEU D 73 -14.14 9.91 39.88
CA LEU D 73 -14.15 11.32 39.50
C LEU D 73 -15.24 12.09 40.25
N GLY D 74 -16.37 11.45 40.53
CA GLY D 74 -17.40 12.12 41.33
C GLY D 74 -16.93 12.38 42.74
N ASP D 75 -16.28 11.40 43.36
CA ASP D 75 -15.65 11.61 44.68
C ASP D 75 -14.76 12.85 44.69
N PHE D 76 -14.04 13.10 43.60
CA PHE D 76 -13.12 14.23 43.54
C PHE D 76 -13.75 15.48 42.98
N GLY D 77 -15.08 15.55 42.93
CA GLY D 77 -15.74 16.77 42.50
C GLY D 77 -15.75 17.00 41.01
N VAL D 78 -15.57 15.95 40.20
CA VAL D 78 -15.60 16.10 38.75
C VAL D 78 -16.90 15.49 38.22
N PRO D 79 -17.93 16.30 37.96
CA PRO D 79 -19.20 15.76 37.45
C PRO D 79 -19.06 15.43 35.98
N THR D 80 -19.72 14.35 35.56
CA THR D 80 -19.54 13.84 34.21
C THR D 80 -20.89 13.56 33.57
N ARG D 81 -20.89 13.47 32.24
CA ARG D 81 -21.92 12.75 31.49
C ARG D 81 -21.20 11.81 30.55
N VAL D 82 -21.76 10.62 30.34
N VAL D 82 -21.80 10.64 30.32
CA VAL D 82 -21.08 9.58 29.60
CA VAL D 82 -21.15 9.54 29.63
C VAL D 82 -21.75 9.39 28.26
C VAL D 82 -21.78 9.39 28.24
N GLU D 83 -20.93 9.10 27.25
CA GLU D 83 -21.38 8.67 25.94
C GLU D 83 -20.56 7.43 25.60
N PHE D 84 -21.13 6.55 24.79
CA PHE D 84 -20.47 5.31 24.40
C PHE D 84 -20.26 5.31 22.89
N LEU D 85 -19.02 5.03 22.49
CA LEU D 85 -18.64 4.89 21.09
C LEU D 85 -18.23 3.45 20.81
N ARG D 86 -18.68 2.90 19.68
CA ARG D 86 -18.31 1.54 19.30
C ARG D 86 -16.98 1.55 18.54
N ALA D 87 -16.04 0.74 19.02
CA ALA D 87 -14.76 0.54 18.33
C ALA D 87 -14.92 -0.47 17.20
N ASP D 109 -23.67 15.53 21.28
CA ASP D 109 -23.52 16.95 21.57
C ASP D 109 -22.24 17.20 22.37
N ILE D 110 -21.13 17.40 21.67
CA ILE D 110 -19.88 17.77 22.30
C ILE D 110 -19.36 19.13 21.85
N ARG D 111 -20.02 19.76 20.89
CA ARG D 111 -19.64 21.08 20.41
C ARG D 111 -19.43 22.03 21.57
N GLY D 112 -18.23 22.62 21.65
CA GLY D 112 -17.90 23.55 22.70
C GLY D 112 -17.83 22.98 24.11
N LYS D 113 -17.65 21.67 24.26
CA LYS D 113 -17.59 21.08 25.59
C LYS D 113 -16.20 20.51 25.85
N HIS D 114 -15.90 20.25 27.12
CA HIS D 114 -14.68 19.56 27.49
C HIS D 114 -14.92 18.05 27.46
N VAL D 115 -14.07 17.34 26.72
CA VAL D 115 -14.26 15.91 26.44
C VAL D 115 -13.05 15.14 26.94
N LEU D 116 -13.32 14.04 27.65
CA LEU D 116 -12.31 13.09 28.08
C LEU D 116 -12.66 11.73 27.50
N VAL D 117 -11.82 11.22 26.59
CA VAL D 117 -12.02 9.89 26.01
C VAL D 117 -11.39 8.86 26.92
N LEU D 118 -12.15 7.81 27.25
CA LEU D 118 -11.67 6.71 28.10
C LEU D 118 -11.56 5.42 27.31
N GLU D 119 -10.46 4.72 27.50
N GLU D 119 -10.43 4.73 27.46
CA GLU D 119 -10.23 3.44 26.86
CA GLU D 119 -10.15 3.45 26.82
C GLU D 119 -9.58 2.51 27.88
C GLU D 119 -9.58 2.52 27.88
N ASP D 120 -9.97 1.24 27.83
CA ASP D 120 -9.36 0.30 28.76
C ASP D 120 -7.90 0.04 28.40
N ILE D 121 -7.54 0.01 27.12
CA ILE D 121 -6.16 -0.30 26.76
C ILE D 121 -5.73 0.47 25.52
N LEU D 122 -4.49 0.93 25.54
CA LEU D 122 -3.89 1.66 24.44
C LEU D 122 -2.62 0.91 24.04
N ASP D 123 -2.60 0.45 22.78
CA ASP D 123 -1.55 -0.43 22.28
C ASP D 123 -0.94 0.14 21.00
N THR D 124 -1.50 -0.19 19.83
CA THR D 124 -1.00 0.39 18.59
C THR D 124 -1.32 1.88 18.48
N ALA D 125 -2.32 2.35 19.23
CA ALA D 125 -2.91 3.70 19.26
C ALA D 125 -3.80 3.95 18.04
N LEU D 126 -3.98 2.97 17.16
CA LEU D 126 -4.80 3.20 15.97
C LEU D 126 -6.25 3.56 16.31
N THR D 127 -6.83 2.91 17.33
CA THR D 127 -8.21 3.20 17.72
C THR D 127 -8.35 4.63 18.22
N LEU D 128 -7.58 5.01 19.24
CA LEU D 128 -7.74 6.32 19.84
CA LEU D 128 -7.72 6.32 19.84
C LEU D 128 -7.40 7.42 18.85
N ARG D 129 -6.40 7.18 17.98
CA ARG D 129 -6.05 8.18 16.98
C ARG D 129 -7.28 8.52 16.13
N GLU D 130 -7.99 7.50 15.67
CA GLU D 130 -9.19 7.71 14.87
C GLU D 130 -10.30 8.33 15.71
N VAL D 131 -10.48 7.85 16.93
CA VAL D 131 -11.57 8.38 17.76
C VAL D 131 -11.34 9.86 18.02
N VAL D 132 -10.11 10.22 18.40
CA VAL D 132 -9.83 11.61 18.75
C VAL D 132 -10.00 12.51 17.54
N ASP D 133 -9.51 12.06 16.37
CA ASP D 133 -9.65 12.88 15.18
C ASP D 133 -11.10 13.03 14.75
N SER D 134 -11.91 11.98 14.94
CA SER D 134 -13.34 12.07 14.64
C SER D 134 -14.02 13.10 15.52
N LEU D 135 -13.82 13.00 16.84
CA LEU D 135 -14.45 13.93 17.78
C LEU D 135 -14.02 15.37 17.53
N LYS D 136 -12.77 15.59 17.12
CA LYS D 136 -12.33 16.95 16.87
C LYS D 136 -13.12 17.61 15.75
N LYS D 137 -13.64 16.82 14.81
CA LYS D 137 -14.48 17.35 13.73
C LYS D 137 -15.74 18.01 14.28
N SER D 138 -16.15 17.66 15.50
CA SER D 138 -17.29 18.27 16.16
C SER D 138 -16.91 19.49 16.97
N GLU D 139 -15.64 19.90 16.95
CA GLU D 139 -15.12 21.06 17.65
C GLU D 139 -15.54 21.12 19.12
N PRO D 140 -15.08 20.21 19.96
CA PRO D 140 -15.24 20.39 21.41
C PRO D 140 -14.35 21.53 21.89
N ALA D 141 -14.59 21.96 23.13
CA ALA D 141 -13.73 22.98 23.73
C ALA D 141 -12.32 22.45 23.95
N SER D 142 -12.21 21.20 24.39
CA SER D 142 -10.95 20.53 24.60
C SER D 142 -11.21 19.04 24.55
N ILE D 143 -10.17 18.28 24.26
CA ILE D 143 -10.27 16.83 24.25
C ILE D 143 -8.97 16.24 24.77
N LYS D 144 -9.07 15.37 25.76
CA LYS D 144 -7.94 14.64 26.31
C LYS D 144 -8.32 13.17 26.37
N THR D 145 -7.33 12.31 26.65
CA THR D 145 -7.56 10.88 26.72
C THR D 145 -7.05 10.34 28.05
N LEU D 146 -7.76 9.34 28.55
CA LEU D 146 -7.44 8.63 29.78
C LEU D 146 -7.56 7.13 29.51
N VAL D 147 -6.49 6.37 29.78
CA VAL D 147 -6.49 4.94 29.52
C VAL D 147 -6.17 4.19 30.80
N ALA D 148 -6.81 3.03 30.99
CA ALA D 148 -6.50 2.21 32.15
C ALA D 148 -5.14 1.55 32.00
N ILE D 149 -4.89 0.94 30.84
CA ILE D 149 -3.66 0.23 30.56
C ILE D 149 -3.03 0.84 29.32
N ASP D 150 -1.82 1.35 29.46
CA ASP D 150 -1.00 1.74 28.31
C ASP D 150 0.01 0.65 28.05
N LYS D 151 0.14 0.24 26.78
CA LYS D 151 1.24 -0.63 26.39
C LYS D 151 2.19 0.21 25.53
N PRO D 152 3.11 0.97 26.13
CA PRO D 152 3.90 1.92 25.33
C PRO D 152 4.75 1.25 24.26
N GLY D 153 5.13 -0.02 24.44
CA GLY D 153 5.90 -0.71 23.43
C GLY D 153 5.10 -1.18 22.24
N GLY D 154 3.80 -0.95 22.22
CA GLY D 154 2.95 -1.47 21.16
C GLY D 154 2.66 -0.54 20.01
N ARG D 155 3.17 0.69 20.04
CA ARG D 155 2.73 1.71 19.10
C ARG D 155 3.00 1.33 17.65
N LYS D 156 2.02 1.60 16.79
CA LYS D 156 2.28 1.63 15.36
C LYS D 156 2.33 3.03 14.82
N ILE D 157 1.86 3.99 15.61
CA ILE D 157 2.00 5.42 15.34
C ILE D 157 2.26 6.12 16.67
N PRO D 158 2.90 7.29 16.62
CA PRO D 158 3.13 8.03 17.87
C PRO D 158 1.83 8.50 18.49
N PHE D 159 1.73 8.32 19.81
CA PHE D 159 0.55 8.75 20.53
C PHE D 159 0.80 8.67 22.02
N THR D 160 0.44 9.74 22.73
CA THR D 160 0.61 9.84 24.17
C THR D 160 -0.75 10.15 24.79
N ALA D 161 -1.22 9.29 25.68
CA ALA D 161 -2.41 9.62 26.46
C ALA D 161 -2.09 10.66 27.51
N GLU D 162 -3.01 11.60 27.73
CA GLU D 162 -2.75 12.62 28.74
C GLU D 162 -2.70 12.01 30.15
N TYR D 163 -3.52 10.98 30.41
CA TYR D 163 -3.60 10.34 31.71
C TYR D 163 -3.55 8.82 31.52
N VAL D 164 -2.67 8.15 32.26
CA VAL D 164 -2.48 6.71 32.16
C VAL D 164 -2.56 6.12 33.56
N VAL D 165 -3.42 5.13 33.78
CA VAL D 165 -3.51 4.49 35.09
C VAL D 165 -2.33 3.56 35.33
N ALA D 166 -1.97 2.74 34.34
CA ALA D 166 -0.89 1.78 34.53
C ALA D 166 -0.27 1.44 33.19
N ASP D 167 1.03 1.12 33.20
CA ASP D 167 1.76 0.61 32.05
C ASP D 167 1.91 -0.91 32.13
N VAL D 168 1.85 -1.56 30.98
CA VAL D 168 2.01 -3.00 30.87
C VAL D 168 3.06 -3.29 29.79
N PRO D 169 3.92 -4.29 29.96
N PRO D 169 3.95 -4.27 29.98
CA PRO D 169 4.84 -4.65 28.85
CA PRO D 169 4.85 -4.66 28.88
C PRO D 169 4.09 -5.25 27.69
C PRO D 169 4.09 -5.23 27.69
N ASN D 170 4.80 -5.67 26.64
CA ASN D 170 4.14 -6.24 25.46
C ASN D 170 3.78 -7.69 25.77
N VAL D 171 2.73 -7.86 26.58
CA VAL D 171 2.15 -9.17 26.90
C VAL D 171 0.64 -9.06 26.70
N PHE D 172 -0.02 -10.20 26.52
CA PHE D 172 -1.45 -10.19 26.28
C PHE D 172 -2.21 -10.41 27.59
N VAL D 173 -3.04 -9.43 27.97
CA VAL D 173 -3.74 -9.46 29.25
C VAL D 173 -5.25 -9.51 29.02
N VAL D 174 -5.94 -10.03 30.04
CA VAL D 174 -7.40 -10.00 30.15
C VAL D 174 -7.74 -9.51 31.55
N GLY D 175 -9.03 -9.22 31.72
CA GLY D 175 -9.51 -8.74 33.00
C GLY D 175 -9.75 -7.25 32.98
N TYR D 176 -10.49 -6.77 33.98
CA TYR D 176 -10.87 -5.37 34.12
C TYR D 176 -11.41 -4.79 32.81
N GLY D 177 -12.31 -5.55 32.18
CA GLY D 177 -12.91 -5.17 30.92
C GLY D 177 -12.28 -5.78 29.69
N LEU D 178 -11.04 -6.27 29.79
CA LEU D 178 -10.26 -6.76 28.65
C LEU D 178 -10.57 -8.24 28.41
N ASP D 179 -10.80 -8.60 27.16
CA ASP D 179 -11.34 -9.92 26.82
C ASP D 179 -10.33 -10.77 26.09
N TYR D 180 -10.56 -12.08 26.11
CA TYR D 180 -10.08 -12.96 25.06
C TYR D 180 -11.30 -13.57 24.39
N ASP D 181 -11.49 -13.28 23.10
CA ASP D 181 -12.67 -13.69 22.33
C ASP D 181 -13.96 -13.56 23.15
N GLN D 182 -14.12 -12.38 23.79
CA GLN D 182 -15.30 -11.88 24.47
C GLN D 182 -15.46 -12.45 25.88
N SER D 183 -14.64 -13.40 26.31
CA SER D 183 -14.67 -13.88 27.68
C SER D 183 -13.60 -13.19 28.51
N TYR D 184 -13.68 -13.41 29.82
CA TYR D 184 -12.76 -12.92 30.85
C TYR D 184 -12.80 -11.41 31.07
N ARG D 185 -13.73 -10.66 30.46
CA ARG D 185 -13.84 -9.24 30.82
C ARG D 185 -14.15 -9.04 32.31
N GLU D 186 -14.82 -10.01 32.93
CA GLU D 186 -15.30 -9.90 34.31
C GLU D 186 -14.23 -10.22 35.35
N VAL D 187 -13.04 -10.66 34.95
CA VAL D 187 -11.98 -10.88 35.93
C VAL D 187 -11.66 -9.55 36.61
N ARG D 188 -11.57 -9.56 37.96
CA ARG D 188 -11.42 -8.31 38.70
C ARG D 188 -10.05 -7.69 38.51
N ASP D 189 -9.05 -8.51 38.19
CA ASP D 189 -7.66 -8.10 38.09
C ASP D 189 -7.23 -8.14 36.62
N VAL D 190 -6.16 -7.42 36.30
CA VAL D 190 -5.53 -7.52 34.99
C VAL D 190 -4.47 -8.61 35.08
N VAL D 191 -4.60 -9.64 34.24
CA VAL D 191 -3.78 -10.85 34.36
C VAL D 191 -3.23 -11.20 32.99
N ILE D 192 -2.09 -11.89 32.97
CA ILE D 192 -1.53 -12.41 31.72
C ILE D 192 -2.22 -13.74 31.43
N LEU D 193 -2.83 -13.84 30.25
CA LEU D 193 -3.58 -15.03 29.88
C LEU D 193 -2.64 -16.20 29.64
N LYS D 194 -3.04 -17.37 30.13
CA LYS D 194 -2.19 -18.55 29.99
C LYS D 194 -2.24 -19.06 28.55
N PRO D 195 -1.07 -19.35 27.94
CA PRO D 195 -1.06 -19.74 26.52
C PRO D 195 -1.96 -20.93 26.19
N SER D 196 -2.09 -21.89 27.10
CA SER D 196 -2.97 -23.03 26.85
C SER D 196 -4.41 -22.61 26.58
N VAL D 197 -4.83 -21.45 27.11
CA VAL D 197 -6.21 -21.02 26.89
C VAL D 197 -6.45 -20.73 25.41
N TYR D 198 -5.57 -19.93 24.80
CA TYR D 198 -5.82 -19.59 23.40
C TYR D 198 -5.32 -20.66 22.45
N GLU D 199 -4.30 -21.43 22.85
CA GLU D 199 -3.93 -22.59 22.03
C GLU D 199 -5.10 -23.58 21.93
N THR D 200 -5.72 -23.90 23.06
CA THR D 200 -6.86 -24.81 23.07
C THR D 200 -8.05 -24.22 22.32
N TRP D 201 -8.36 -22.94 22.59
CA TRP D 201 -9.54 -22.36 21.94
C TRP D 201 -9.32 -22.21 20.45
N GLY D 202 -8.09 -21.86 20.03
CA GLY D 202 -7.80 -21.79 18.61
C GLY D 202 -8.06 -23.10 17.90
N LYS D 203 -7.74 -24.22 18.55
CA LYS D 203 -7.97 -25.52 17.93
C LYS D 203 -9.46 -25.85 17.91
N GLU D 204 -10.19 -25.53 18.98
CA GLU D 204 -11.63 -25.78 18.96
C GLU D 204 -12.31 -24.93 17.90
N LEU D 205 -11.79 -23.73 17.62
CA LEU D 205 -12.37 -22.91 16.57
C LEU D 205 -12.20 -23.54 15.19
N GLU D 206 -11.16 -24.38 15.01
CA GLU D 206 -11.02 -25.08 13.73
C GLU D 206 -12.18 -26.05 13.50
N ARG D 207 -12.58 -26.78 14.54
CA ARG D 207 -13.73 -27.71 14.56
C ARG D 207 -14.11 -28.30 13.20
OAG 3L4 E . 8.32 -5.46 0.31
PBB 3L4 E . 8.23 -6.45 1.45
OAH 3L4 E . 7.40 -7.67 1.03
OAD 3L4 E . 9.63 -6.84 1.92
CAP 3L4 E . 7.36 -5.61 2.87
OAT 3L4 E . 6.00 -5.73 2.60
CAJ 3L4 E . 5.47 -4.60 1.98
CAK 3L4 E . 4.73 -3.85 3.08
NAY 3L4 E . 3.33 -3.71 2.73
CAM 3L4 E . 2.55 -3.06 3.77
CAO 3L4 E . 2.32 -1.67 3.22
PBA 3L4 E . 1.40 -0.67 4.45
OAE 3L4 E . 0.22 -1.52 4.87
OAF 3L4 E . 2.31 -0.36 5.62
OAC 3L4 E . 0.93 0.63 3.81
CAL 3L4 E . 2.74 -4.75 1.91
CAN 3L4 E . 1.59 -5.55 2.49
N9 3L4 E . 0.53 -5.71 1.50
C4 3L4 E . 0.56 -6.46 0.39
N3 3L4 E . 1.60 -7.33 -0.19
C2 3L4 E . 1.34 -8.02 -1.44
N2 3L4 E . 2.34 -8.87 -2.02
N1 3L4 E . 0.09 -7.89 -2.12
C6 3L4 E . -0.93 -7.07 -1.56
O6 3L4 E . -1.96 -6.96 -2.14
C5 3L4 E . -0.65 -6.32 -0.25
N7 3L4 E . -1.39 -5.48 0.50
C8 3L4 E . -0.67 -5.13 1.54
MG MG F . 5.56 -8.79 1.19
MG MG G . 8.29 -2.92 -0.28
C1 PEG H . 13.63 -6.28 -18.41
O1 PEG H . 12.31 -5.91 -18.14
C2 PEG H . 13.76 -7.79 -18.50
O2 PEG H . 14.11 -8.16 -19.81
C3 PEG H . 13.11 -8.13 -20.77
C4 PEG H . 13.62 -8.85 -22.02
O4 PEG H . 13.53 -10.25 -21.88
OAG 3L4 I . 28.46 1.41 -5.84
PBB 3L4 I . 28.07 0.20 -5.02
OAH 3L4 I . 27.19 0.66 -3.87
OAD 3L4 I . 27.33 -0.81 -5.87
CAP 3L4 I . 29.58 -0.67 -4.32
OAT 3L4 I . 30.53 -0.82 -5.34
CAJ 3L4 I . 30.34 -1.94 -6.18
CAK 3L4 I . 31.51 -2.93 -6.06
NAY 3L4 I . 32.78 -2.28 -6.35
CAM 3L4 I . 33.92 -3.17 -6.09
CAO 3L4 I . 33.86 -4.50 -6.85
PBA 3L4 I . 35.40 -5.49 -6.50
OAE 3L4 I . 35.44 -6.80 -7.28
OAF 3L4 I . 36.60 -4.68 -6.91
OAC 3L4 I . 35.43 -5.77 -5.00
CAL 3L4 I . 32.81 -1.80 -7.72
CAN 3L4 I . 33.78 -0.62 -7.95
N9 3L4 I . 34.17 -0.55 -9.35
C4 3L4 I . 33.54 0.17 -10.26
N3 3L4 I . 32.38 1.09 -10.15
C2 3L4 I . 31.91 1.79 -11.32
N2 3L4 I . 30.78 2.67 -11.19
N1 3L4 I . 32.56 1.60 -12.60
C6 3L4 I . 33.68 0.71 -12.72
O6 3L4 I . 34.21 0.55 -13.78
C5 3L4 I . 34.18 -0.02 -11.49
N7 3L4 I . 35.17 -0.87 -11.27
C8 3L4 I . 35.16 -1.20 -9.98
MG MG J . 29.92 2.52 -6.80
MG MG K . 27.19 -3.52 -5.97
C1 PEG L . 11.53 1.34 -18.34
O1 PEG L . 10.94 1.60 -19.60
C2 PEG L . 11.85 -0.14 -18.22
O2 PEG L . 13.22 -0.36 -18.29
C3 PEG L . 13.62 -1.41 -19.14
C4 PEG L . 13.72 -2.73 -18.35
O4 PEG L . 12.49 -3.43 -18.41
OAG 3L4 M . -26.68 -7.41 -17.59
PBB 3L4 M . -27.28 -6.19 -18.27
OAH 3L4 M . -28.70 -6.52 -18.72
OAD 3L4 M . -27.31 -5.03 -17.29
CAP 3L4 M . -26.29 -5.67 -19.78
OAT 3L4 M . -24.94 -5.89 -19.48
CAJ 3L4 M . -24.25 -4.75 -19.06
CAK 3L4 M . -23.38 -4.39 -20.25
NAY 3L4 M . -21.98 -4.44 -19.89
CAM 3L4 M . -21.11 -4.14 -21.01
CAO 3L4 M . -20.76 -2.66 -20.85
PBA 3L4 M . -19.64 -2.06 -22.19
OAE 3L4 M . -19.08 -0.73 -21.77
OAF 3L4 M . -18.54 -3.11 -22.36
OAC 3L4 M . -20.47 -1.93 -23.46
CAL 3L4 M . -21.58 -5.44 -18.91
CAN 3L4 M . -20.37 -6.27 -19.28
N9 3L4 M . -19.39 -6.41 -18.21
C4 3L4 M . -19.59 -6.91 -16.99
N3 3L4 M . -20.76 -7.47 -16.34
C2 3L4 M . -20.65 -7.96 -14.98
N2 3L4 M . -21.80 -8.50 -14.34
N1 3L4 M . -19.40 -7.91 -14.26
C6 3L4 M . -18.25 -7.37 -14.89
O6 3L4 M . -17.22 -7.32 -14.27
C5 3L4 M . -18.37 -6.86 -16.31
N7 3L4 M . -17.50 -6.32 -17.15
C8 3L4 M . -18.11 -6.05 -18.30
MG MG N . -24.94 -8.78 -17.73
MG MG O . -27.02 -2.06 -17.32
MG MG O . -25.86 -1.70 -19.38
C1 PEG P . -30.24 0.23 -0.07
O1 PEG P . -31.43 0.93 -0.22
C2 PEG P . -30.63 -1.17 0.38
O2 PEG P . -31.79 -1.15 1.16
C3 PEG P . -32.66 -2.18 0.85
C4 PEG P . -33.65 -2.37 2.00
O4 PEG P . -33.01 -2.96 3.10
OAG 3L4 Q . -12.52 -5.90 23.10
PBB 3L4 Q . -12.99 -4.52 22.65
OAH 3L4 Q . -14.42 -4.53 22.13
OAD 3L4 Q . -12.81 -3.55 23.80
CAP 3L4 Q . -11.91 -4.08 21.18
OAT 3L4 Q . -11.17 -2.99 21.56
CAJ 3L4 Q . -9.99 -3.19 22.26
CAK 3L4 Q . -8.99 -2.14 21.75
NAY 3L4 Q . -7.91 -2.93 21.20
CAM 3L4 Q . -6.95 -2.17 20.38
CAO 3L4 Q . -6.30 -0.97 21.05
PBA 3L4 Q . -5.17 -0.08 19.85
OAE 3L4 Q . -6.01 0.43 18.70
OAF 3L4 Q . -4.43 1.04 20.56
OAC 3L4 Q . -4.18 -1.09 19.30
CAL 3L4 Q . -7.32 -3.76 22.22
CAN 3L4 Q . -6.47 -4.86 21.61
N9 3L4 Q . -5.41 -5.23 22.54
C4 3L4 Q . -5.56 -6.03 23.59
N3 3L4 Q . -6.75 -6.71 24.13
C2 3L4 Q . -6.60 -7.54 25.32
N2 3L4 Q . -7.74 -8.24 25.88
N1 3L4 Q . -5.32 -7.67 25.96
C6 3L4 Q . -4.18 -7.01 25.44
O6 3L4 Q . -3.12 -7.15 25.98
C5 3L4 Q . -4.32 -6.16 24.19
N7 3L4 Q . -3.46 -5.43 23.47
C8 3L4 Q . -4.14 -4.87 22.48
MG MG R . -10.98 -7.23 22.79
MG MG S . -12.39 -0.93 24.51
C1 PEG T . -15.07 -3.16 42.46
O1 PEG T . -15.66 -1.94 42.82
C2 PEG T . -16.21 -3.95 41.83
O2 PEG T . -17.07 -4.31 42.84
C3 PEG T . -18.36 -4.66 42.41
C4 PEG T . -19.10 -5.15 43.63
O4 PEG T . -18.31 -6.16 44.21
#